data_5ZIX
#
_entry.id   5ZIX
#
_cell.length_a   130.873
_cell.length_b   130.873
_cell.length_c   155.296
_cell.angle_alpha   90.00
_cell.angle_beta   90.00
_cell.angle_gamma   90.00
#
_symmetry.space_group_name_H-M   'P 42 21 2'
#
loop_
_entity.id
_entity.type
_entity.pdbx_description
1 polymer 'Probable 2-dehydropantoate 2-reductase'
2 non-polymer GLYCEROL
3 non-polymer 'NADP NICOTINAMIDE-ADENINE-DINUCLEOTIDE PHOSPHATE'
4 water water
#
_entity_poly.entity_id   1
_entity_poly.type   'polypeptide(L)'
_entity_poly.pdbx_seq_one_letter_code
;MTWHILGAGSLGSLWAARLGRAGLPVRLILRDRQRLRRYQQAGGLSLVEDGQASLYPIAAETPDGGQPIQRLLLACKAYD
AEEAASSVAHRLAGNAELLLLQNGLGSQQAVAARLPRSRCLFASSTEGAFRDGDFRVVFAGRGHTWLGDPRDTNAPAWLT
QLSQAGIPHSWSDDILERLWRKLALNCAINPLTVLHDCRNGGLRQHPEEIAALCDELGQLLHASGYDAAARSLLEDVRAV
IDATAANYSSMHQDVTRGRRTEIGYLLGYACQHGQRLGLPLPRLGTLLARLQAHLRQRGLPDR
;
_entity_poly.pdbx_strand_id   A,B,C
#
loop_
_chem_comp.id
_chem_comp.type
_chem_comp.name
_chem_comp.formula
GOL non-polymer GLYCEROL 'C3 H8 O3'
NAP non-polymer 'NADP NICOTINAMIDE-ADENINE-DINUCLEOTIDE PHOSPHATE' 'C21 H28 N7 O17 P3'
#
# COMPACT_ATOMS: atom_id res chain seq x y z
N MET A 1 -10.35 41.74 0.58
CA MET A 1 -10.53 40.99 -0.64
C MET A 1 -9.53 39.85 -0.75
N THR A 2 -9.29 39.17 0.38
CA THR A 2 -8.32 38.09 0.41
C THR A 2 -8.82 36.88 -0.35
N TRP A 3 -7.93 36.26 -1.13
CA TRP A 3 -8.18 34.97 -1.75
C TRP A 3 -7.76 33.89 -0.77
N HIS A 4 -8.74 33.26 -0.12
CA HIS A 4 -8.48 32.13 0.75
C HIS A 4 -8.43 30.85 -0.09
N ILE A 5 -7.40 30.05 0.12
CA ILE A 5 -7.17 28.83 -0.66
C ILE A 5 -7.26 27.64 0.28
N LEU A 6 -8.23 26.77 0.02
CA LEU A 6 -8.44 25.55 0.80
C LEU A 6 -8.10 24.36 -0.08
N GLY A 7 -6.96 23.72 0.21
CA GLY A 7 -6.48 22.61 -0.59
C GLY A 7 -5.21 22.94 -1.33
N ALA A 8 -4.08 22.95 -0.60
CA ALA A 8 -2.78 23.32 -1.17
C ALA A 8 -2.15 22.13 -1.90
N GLY A 9 -2.83 21.69 -2.95
CA GLY A 9 -2.37 20.58 -3.77
C GLY A 9 -1.80 21.06 -5.10
N SER A 10 -2.15 20.35 -6.16
CA SER A 10 -1.63 20.67 -7.49
C SER A 10 -2.24 21.95 -8.03
N LEU A 11 -3.54 21.94 -8.29
CA LEU A 11 -4.21 23.15 -8.78
C LEU A 11 -4.23 24.25 -7.73
N GLY A 12 -4.34 23.89 -6.44
CA GLY A 12 -4.43 24.90 -5.41
C GLY A 12 -3.17 25.74 -5.30
N SER A 13 -2.01 25.08 -5.31
CA SER A 13 -0.75 25.82 -5.24
C SER A 13 -0.49 26.62 -6.51
N LEU A 14 -0.83 26.04 -7.68
CA LEU A 14 -0.66 26.75 -8.94
C LEU A 14 -1.47 28.05 -8.96
N TRP A 15 -2.69 27.99 -8.44
CA TRP A 15 -3.50 29.20 -8.33
C TRP A 15 -2.95 30.15 -7.27
N ALA A 16 -2.57 29.61 -6.11
CA ALA A 16 -2.07 30.45 -5.02
C ALA A 16 -0.80 31.18 -5.43
N ALA A 17 0.10 30.50 -6.15
CA ALA A 17 1.34 31.13 -6.56
C ALA A 17 1.09 32.26 -7.55
N ARG A 18 0.21 32.03 -8.53
CA ARG A 18 -0.03 33.05 -9.54
C ARG A 18 -0.78 34.25 -8.97
N LEU A 19 -1.70 34.01 -8.03
CA LEU A 19 -2.42 35.12 -7.41
C LEU A 19 -1.51 35.89 -6.46
N GLY A 20 -0.71 35.19 -5.66
CA GLY A 20 0.13 35.88 -4.69
C GLY A 20 1.28 36.64 -5.32
N ARG A 21 1.91 36.05 -6.35
CA ARG A 21 3.06 36.70 -6.97
C ARG A 21 2.65 37.92 -7.78
N ALA A 22 1.37 38.05 -8.12
CA ALA A 22 0.86 39.22 -8.84
C ALA A 22 0.40 40.33 -7.90
N GLY A 23 0.73 40.23 -6.61
CA GLY A 23 0.39 41.27 -5.67
C GLY A 23 -1.01 41.20 -5.10
N LEU A 24 -1.71 40.09 -5.28
CA LEU A 24 -3.05 40.00 -4.73
C LEU A 24 -3.02 39.33 -3.35
N PRO A 25 -3.87 39.77 -2.43
CA PRO A 25 -3.90 39.17 -1.09
C PRO A 25 -4.37 37.71 -1.15
N VAL A 26 -3.50 36.81 -0.70
CA VAL A 26 -3.75 35.37 -0.74
C VAL A 26 -3.44 34.78 0.63
N ARG A 27 -4.23 33.79 1.05
CA ARG A 27 -4.04 33.14 2.33
C ARG A 27 -4.31 31.65 2.17
N LEU A 28 -3.30 30.83 2.44
CA LEU A 28 -3.47 29.38 2.42
C LEU A 28 -4.15 28.91 3.70
N ILE A 29 -5.04 27.94 3.57
CA ILE A 29 -5.71 27.32 4.71
C ILE A 29 -5.24 25.87 4.76
N LEU A 30 -4.29 25.59 5.64
CA LEU A 30 -3.74 24.26 5.79
C LEU A 30 -4.59 23.42 6.75
N ARG A 31 -4.31 22.12 6.78
CA ARG A 31 -5.20 21.19 7.47
C ARG A 31 -5.17 21.39 8.98
N ASP A 32 -3.98 21.45 9.57
CA ASP A 32 -3.85 21.57 11.01
C ASP A 32 -2.57 22.34 11.35
N ARG A 33 -2.35 22.55 12.65
CA ARG A 33 -1.16 23.27 13.09
C ARG A 33 0.12 22.51 12.75
N GLN A 34 0.05 21.18 12.68
CA GLN A 34 1.22 20.40 12.30
C GLN A 34 1.66 20.73 10.88
N ARG A 35 0.70 20.83 9.95
CA ARG A 35 1.02 21.21 8.58
C ARG A 35 1.52 22.64 8.49
N LEU A 36 1.01 23.53 9.35
CA LEU A 36 1.44 24.93 9.30
C LEU A 36 2.91 25.07 9.69
N ARG A 37 3.38 24.26 10.63
CA ARG A 37 4.80 24.29 10.99
C ARG A 37 5.65 23.68 9.89
N ARG A 38 5.18 22.57 9.30
CA ARG A 38 5.91 21.98 8.17
C ARG A 38 5.93 22.89 6.96
N TYR A 39 4.96 23.81 6.85
CA TYR A 39 4.97 24.77 5.76
C TYR A 39 5.92 25.93 6.06
N GLN A 40 6.01 26.34 7.32
CA GLN A 40 6.87 27.46 7.67
C GLN A 40 8.35 27.07 7.70
N GLN A 41 8.65 25.80 7.94
CA GLN A 41 10.04 25.36 7.81
C GLN A 41 10.47 25.25 6.35
N ALA A 42 9.52 25.10 5.43
CA ALA A 42 9.85 25.08 4.01
C ALA A 42 9.96 26.49 3.45
N GLY A 43 9.18 27.43 3.97
CA GLY A 43 9.27 28.82 3.57
C GLY A 43 8.28 29.28 2.53
N GLY A 44 7.47 28.39 1.99
CA GLY A 44 6.47 28.77 1.00
C GLY A 44 6.28 27.66 -0.01
N LEU A 45 5.52 27.99 -1.06
CA LEU A 45 5.23 27.05 -2.12
C LEU A 45 6.31 27.12 -3.20
N SER A 46 6.78 25.95 -3.63
CA SER A 46 7.80 25.84 -4.67
C SER A 46 7.13 25.44 -5.98
N LEU A 47 7.18 26.32 -6.97
CA LEU A 47 6.59 26.08 -8.28
C LEU A 47 7.71 25.79 -9.27
N VAL A 48 7.55 24.71 -10.03
CA VAL A 48 8.54 24.29 -11.02
C VAL A 48 7.94 24.53 -12.40
N GLU A 49 8.55 25.46 -13.15
CA GLU A 49 8.17 25.75 -14.53
C GLU A 49 9.37 25.45 -15.42
N ASP A 50 9.20 24.50 -16.34
CA ASP A 50 10.25 24.10 -17.28
C ASP A 50 11.56 23.81 -16.56
N GLY A 51 11.45 23.06 -15.46
CA GLY A 51 12.61 22.69 -14.68
C GLY A 51 13.09 23.72 -13.68
N GLN A 52 12.61 24.97 -13.77
CA GLN A 52 13.06 26.03 -12.88
C GLN A 52 12.15 26.10 -11.67
N ALA A 53 12.73 26.01 -10.48
CA ALA A 53 11.98 26.07 -9.23
C ALA A 53 12.10 27.45 -8.61
N SER A 54 10.97 27.99 -8.14
CA SER A 54 10.91 29.26 -7.47
C SER A 54 10.10 29.12 -6.18
N LEU A 55 10.48 29.90 -5.17
CA LEU A 55 9.86 29.84 -3.85
C LEU A 55 8.93 31.04 -3.67
N TYR A 56 7.65 30.76 -3.43
CA TYR A 56 6.65 31.81 -3.22
C TYR A 56 6.16 31.78 -1.78
N PRO A 57 6.62 32.70 -0.92
CA PRO A 57 6.21 32.71 0.49
C PRO A 57 4.80 33.27 0.71
N ILE A 58 3.80 32.41 0.53
CA ILE A 58 2.41 32.79 0.69
C ILE A 58 2.00 32.55 2.13
N ALA A 59 1.30 33.53 2.72
CA ALA A 59 0.85 33.41 4.10
C ALA A 59 -0.17 32.27 4.22
N ALA A 60 -0.05 31.50 5.31
CA ALA A 60 -0.90 30.35 5.54
C ALA A 60 -1.46 30.39 6.96
N GLU A 61 -2.44 29.53 7.21
CA GLU A 61 -3.11 29.48 8.50
C GLU A 61 -3.88 28.17 8.60
N THR A 62 -4.53 27.96 9.74
CA THR A 62 -5.38 26.83 10.00
C THR A 62 -6.84 27.24 9.93
N PRO A 63 -7.77 26.27 9.87
CA PRO A 63 -9.20 26.65 9.77
C PRO A 63 -9.73 27.39 10.98
N ASP A 64 -9.26 27.08 12.18
CA ASP A 64 -9.85 27.67 13.38
C ASP A 64 -9.55 29.17 13.47
N GLY A 65 -8.30 29.56 13.22
CA GLY A 65 -7.95 30.96 13.24
C GLY A 65 -8.13 31.64 11.89
N GLY A 66 -7.96 32.96 11.89
CA GLY A 66 -8.00 33.74 10.68
C GLY A 66 -9.16 34.73 10.68
N GLN A 67 -9.22 35.49 9.60
CA GLN A 67 -10.24 36.51 9.39
C GLN A 67 -11.46 35.91 8.69
N PRO A 68 -12.57 36.64 8.66
CA PRO A 68 -13.73 36.16 7.88
C PRO A 68 -13.37 35.94 6.42
N ILE A 69 -13.96 34.89 5.84
CA ILE A 69 -13.68 34.49 4.47
C ILE A 69 -14.78 35.05 3.56
N GLN A 70 -14.39 35.94 2.64
CA GLN A 70 -15.32 36.47 1.66
C GLN A 70 -15.13 35.88 0.27
N ARG A 71 -14.01 35.22 0.02
CA ARG A 71 -13.74 34.60 -1.28
C ARG A 71 -12.84 33.40 -1.05
N LEU A 72 -13.33 32.21 -1.35
CA LEU A 72 -12.63 30.97 -1.06
C LEU A 72 -12.49 30.15 -2.32
N LEU A 73 -11.29 29.62 -2.56
CA LEU A 73 -11.02 28.71 -3.67
C LEU A 73 -10.92 27.30 -3.11
N LEU A 74 -11.86 26.43 -3.49
CA LEU A 74 -11.87 25.05 -3.04
C LEU A 74 -11.13 24.20 -4.08
N ALA A 75 -9.93 23.74 -3.74
CA ALA A 75 -9.10 23.02 -4.69
C ALA A 75 -8.70 21.65 -4.18
N CYS A 76 -9.67 20.89 -3.69
CA CYS A 76 -9.46 19.52 -3.24
C CYS A 76 -10.20 18.56 -4.17
N LYS A 77 -10.04 17.27 -3.89
CA LYS A 77 -10.75 16.25 -4.65
C LYS A 77 -12.25 16.36 -4.42
N ALA A 78 -13.02 15.83 -5.37
CA ALA A 78 -14.48 15.94 -5.31
C ALA A 78 -15.03 15.21 -4.08
N TYR A 79 -14.43 14.08 -3.71
CA TYR A 79 -14.89 13.33 -2.56
C TYR A 79 -14.49 13.94 -1.23
N ASP A 80 -13.69 15.01 -1.24
CA ASP A 80 -13.32 15.73 -0.02
C ASP A 80 -13.91 17.13 0.04
N ALA A 81 -14.70 17.53 -0.97
CA ALA A 81 -15.19 18.90 -1.02
C ALA A 81 -16.18 19.18 0.10
N GLU A 82 -17.12 18.26 0.33
CA GLU A 82 -18.10 18.43 1.40
C GLU A 82 -17.41 18.63 2.75
N GLU A 83 -16.45 17.76 3.07
CA GLU A 83 -15.78 17.84 4.36
C GLU A 83 -14.86 19.05 4.43
N ALA A 84 -14.28 19.46 3.31
CA ALA A 84 -13.36 20.60 3.32
C ALA A 84 -14.10 21.90 3.61
N ALA A 85 -15.18 22.17 2.87
CA ALA A 85 -15.89 23.43 3.04
C ALA A 85 -16.51 23.56 4.42
N SER A 86 -16.95 22.44 5.01
CA SER A 86 -17.55 22.48 6.34
C SER A 86 -16.53 22.83 7.42
N SER A 87 -15.23 22.64 7.16
CA SER A 87 -14.22 22.97 8.15
C SER A 87 -14.04 24.47 8.33
N VAL A 88 -14.44 25.27 7.35
CA VAL A 88 -14.36 26.73 7.43
C VAL A 88 -15.74 27.36 7.30
N ALA A 89 -16.81 26.58 7.50
CA ALA A 89 -18.16 27.14 7.44
C ALA A 89 -18.42 28.14 8.55
N HIS A 90 -17.66 28.08 9.64
CA HIS A 90 -17.83 29.03 10.73
C HIS A 90 -17.22 30.40 10.43
N ARG A 91 -16.36 30.48 9.42
CA ARG A 91 -15.73 31.74 9.04
C ARG A 91 -16.33 32.37 7.80
N LEU A 92 -17.25 31.69 7.12
CA LEU A 92 -17.86 32.23 5.92
C LEU A 92 -18.79 33.39 6.25
N ALA A 93 -18.57 34.53 5.59
CA ALA A 93 -19.45 35.66 5.76
C ALA A 93 -20.71 35.48 4.91
N GLY A 94 -21.68 36.37 5.13
CA GLY A 94 -22.92 36.31 4.37
C GLY A 94 -22.76 36.61 2.89
N ASN A 95 -21.68 37.30 2.52
CA ASN A 95 -21.40 37.65 1.14
C ASN A 95 -20.30 36.80 0.53
N ALA A 96 -20.03 35.62 1.10
CA ALA A 96 -18.94 34.79 0.66
C ALA A 96 -19.26 34.11 -0.67
N GLU A 97 -18.26 34.04 -1.54
CA GLU A 97 -18.35 33.33 -2.82
C GLU A 97 -17.30 32.24 -2.87
N LEU A 98 -17.70 31.06 -3.33
CA LEU A 98 -16.82 29.90 -3.40
C LEU A 98 -16.55 29.55 -4.86
N LEU A 99 -15.27 29.36 -5.18
CA LEU A 99 -14.85 28.88 -6.49
C LEU A 99 -14.53 27.40 -6.36
N LEU A 100 -15.37 26.55 -6.96
CA LEU A 100 -15.26 25.10 -6.82
C LEU A 100 -14.51 24.54 -8.03
N LEU A 101 -13.26 24.14 -7.80
CA LEU A 101 -12.41 23.59 -8.85
C LEU A 101 -12.53 22.08 -9.00
N GLN A 102 -13.55 21.47 -8.41
CA GLN A 102 -13.66 20.01 -8.43
C GLN A 102 -14.03 19.52 -9.82
N ASN A 103 -13.50 18.33 -10.15
CA ASN A 103 -13.85 17.67 -11.40
C ASN A 103 -15.19 16.93 -11.23
N GLY A 104 -15.85 16.70 -12.36
CA GLY A 104 -17.10 15.98 -12.36
C GLY A 104 -18.24 16.79 -11.76
N LEU A 105 -19.32 16.07 -11.45
CA LEU A 105 -20.52 16.67 -10.89
C LEU A 105 -20.92 15.92 -9.63
N GLY A 106 -21.80 16.55 -8.85
CA GLY A 106 -22.27 15.95 -7.62
C GLY A 106 -21.77 16.65 -6.37
N SER A 107 -20.45 16.85 -6.29
CA SER A 107 -19.87 17.47 -5.10
C SER A 107 -20.22 18.95 -5.04
N GLN A 108 -20.29 19.63 -6.18
CA GLN A 108 -20.62 21.05 -6.19
C GLN A 108 -22.01 21.29 -5.63
N GLN A 109 -23.00 20.50 -6.07
CA GLN A 109 -24.35 20.65 -5.55
C GLN A 109 -24.41 20.32 -4.06
N ALA A 110 -23.62 19.33 -3.63
CA ALA A 110 -23.58 18.98 -2.22
C ALA A 110 -23.01 20.13 -1.40
N VAL A 111 -21.99 20.82 -1.92
CA VAL A 111 -21.44 21.97 -1.22
C VAL A 111 -22.44 23.11 -1.18
N ALA A 112 -23.18 23.32 -2.28
CA ALA A 112 -24.15 24.41 -2.32
C ALA A 112 -25.28 24.18 -1.33
N ALA A 113 -25.72 22.94 -1.17
CA ALA A 113 -26.79 22.65 -0.22
C ALA A 113 -26.30 22.77 1.22
N ARG A 114 -25.05 22.34 1.48
CA ARG A 114 -24.51 22.45 2.83
C ARG A 114 -24.25 23.90 3.23
N LEU A 115 -23.99 24.77 2.26
CA LEU A 115 -23.71 26.18 2.50
C LEU A 115 -24.71 27.03 1.71
N PRO A 116 -25.97 27.08 2.15
CA PRO A 116 -26.98 27.81 1.36
C PRO A 116 -26.84 29.32 1.46
N ARG A 117 -26.13 29.84 2.45
CA ARG A 117 -25.96 31.28 2.63
C ARG A 117 -24.81 31.85 1.82
N SER A 118 -24.15 31.02 0.99
CA SER A 118 -23.02 31.45 0.19
C SER A 118 -23.28 31.16 -1.28
N ARG A 119 -22.51 31.84 -2.13
CA ARG A 119 -22.60 31.64 -3.58
C ARG A 119 -21.51 30.68 -4.02
N CYS A 120 -21.91 29.62 -4.70
CA CYS A 120 -20.99 28.58 -5.17
C CYS A 120 -20.88 28.67 -6.69
N LEU A 121 -19.70 29.05 -7.17
CA LEU A 121 -19.42 29.14 -8.59
C LEU A 121 -18.73 27.87 -9.06
N PHE A 122 -19.11 27.39 -10.24
CA PHE A 122 -18.57 26.16 -10.80
C PHE A 122 -17.42 26.48 -11.75
N ALA A 123 -16.42 25.60 -11.76
CA ALA A 123 -15.24 25.80 -12.58
C ALA A 123 -14.85 24.49 -13.25
N SER A 124 -14.30 24.60 -14.46
CA SER A 124 -13.82 23.45 -15.22
C SER A 124 -12.47 23.82 -15.82
N SER A 125 -11.41 23.21 -15.30
CA SER A 125 -10.04 23.56 -15.67
C SER A 125 -9.40 22.46 -16.51
N THR A 126 -8.61 22.87 -17.50
CA THR A 126 -7.81 21.95 -18.30
C THR A 126 -6.31 22.14 -18.06
N GLU A 127 -5.94 22.88 -17.03
CA GLU A 127 -4.53 23.05 -16.69
C GLU A 127 -3.98 21.78 -16.06
N GLY A 128 -2.68 21.56 -16.21
CA GLY A 128 -2.02 20.37 -15.73
C GLY A 128 -0.99 20.72 -14.67
N ALA A 129 -1.07 20.03 -13.54
CA ALA A 129 -0.14 20.22 -12.45
C ALA A 129 -0.15 18.98 -11.56
N PHE A 130 1.02 18.64 -11.02
CA PHE A 130 1.16 17.50 -10.12
C PHE A 130 2.17 17.84 -9.04
N ARG A 131 2.14 17.06 -7.96
CA ARG A 131 2.96 17.33 -6.79
C ARG A 131 4.26 16.53 -6.84
N ASP A 132 5.31 17.11 -6.25
CA ASP A 132 6.61 16.48 -6.13
C ASP A 132 7.16 16.81 -4.74
N GLY A 133 6.39 16.43 -3.72
CA GLY A 133 6.62 16.86 -2.36
C GLY A 133 5.41 17.56 -1.79
N ASP A 134 5.47 17.81 -0.48
CA ASP A 134 4.32 18.35 0.22
C ASP A 134 4.01 19.79 -0.19
N PHE A 135 5.03 20.56 -0.56
CA PHE A 135 4.84 21.97 -0.92
C PHE A 135 5.60 22.30 -2.20
N ARG A 136 5.65 21.36 -3.13
CA ARG A 136 6.31 21.56 -4.43
C ARG A 136 5.38 21.05 -5.52
N VAL A 137 5.07 21.90 -6.49
CA VAL A 137 4.15 21.58 -7.57
C VAL A 137 4.82 21.92 -8.90
N VAL A 138 4.65 21.03 -9.88
CA VAL A 138 5.14 21.25 -11.24
C VAL A 138 4.00 21.77 -12.10
N PHE A 139 4.24 22.89 -12.79
CA PHE A 139 3.31 23.42 -13.78
C PHE A 139 3.50 22.59 -15.04
N ALA A 140 2.71 21.51 -15.16
CA ALA A 140 2.94 20.52 -16.20
C ALA A 140 2.44 20.95 -17.56
N GLY A 141 1.34 21.70 -17.62
CA GLY A 141 0.78 22.10 -18.89
C GLY A 141 -0.24 23.21 -18.78
N ARG A 142 -0.18 24.18 -19.69
CA ARG A 142 -1.11 25.29 -19.66
C ARG A 142 -2.50 24.85 -20.09
N GLY A 143 -3.51 25.55 -19.60
CA GLY A 143 -4.87 25.21 -19.90
C GLY A 143 -5.79 26.39 -19.71
N HIS A 144 -7.08 26.09 -19.60
CA HIS A 144 -8.12 27.11 -19.52
C HIS A 144 -9.15 26.70 -18.47
N THR A 145 -9.76 27.69 -17.84
CA THR A 145 -10.73 27.47 -16.78
C THR A 145 -12.02 28.21 -17.13
N TRP A 146 -13.13 27.47 -17.20
CA TRP A 146 -14.43 28.08 -17.42
C TRP A 146 -15.12 28.34 -16.09
N LEU A 147 -15.79 29.48 -15.98
CA LEU A 147 -16.52 29.86 -14.77
C LEU A 147 -17.99 30.08 -15.09
N GLY A 148 -18.80 30.09 -14.05
CA GLY A 148 -20.23 30.32 -14.20
C GLY A 148 -20.99 29.89 -12.97
N ASP A 149 -22.22 30.39 -12.90
CA ASP A 149 -23.13 30.07 -11.81
C ASP A 149 -24.53 29.86 -12.38
N PRO A 150 -25.11 28.67 -12.21
CA PRO A 150 -26.45 28.43 -12.78
C PRO A 150 -27.52 29.31 -12.18
N ARG A 151 -27.42 29.65 -10.89
CA ARG A 151 -28.44 30.49 -10.27
C ARG A 151 -28.24 31.97 -10.61
N ASP A 152 -27.00 32.44 -10.57
CA ASP A 152 -26.67 33.85 -10.73
C ASP A 152 -25.71 33.99 -11.91
N THR A 153 -26.25 34.30 -13.09
CA THR A 153 -25.46 34.31 -14.31
C THR A 153 -24.60 35.57 -14.47
N ASN A 154 -24.74 36.56 -13.59
CA ASN A 154 -23.93 37.77 -13.73
C ASN A 154 -22.48 37.47 -13.36
N ALA A 155 -21.56 37.97 -14.17
CA ALA A 155 -20.15 37.71 -13.94
C ALA A 155 -19.62 38.65 -12.84
N PRO A 156 -18.85 38.14 -11.89
CA PRO A 156 -18.28 39.02 -10.86
C PRO A 156 -17.19 39.91 -11.45
N ALA A 157 -17.01 41.08 -10.84
CA ALA A 157 -16.05 42.04 -11.34
C ALA A 157 -14.61 41.59 -11.13
N TRP A 158 -14.36 40.67 -10.20
CA TRP A 158 -13.00 40.25 -9.91
C TRP A 158 -12.45 39.24 -10.92
N LEU A 159 -13.13 39.05 -12.05
CA LEU A 159 -12.53 38.24 -13.11
C LEU A 159 -11.29 38.92 -13.68
N THR A 160 -11.22 40.26 -13.59
CA THR A 160 -10.11 40.99 -14.19
C THR A 160 -8.80 40.70 -13.47
N GLN A 161 -8.83 40.57 -12.14
CA GLN A 161 -7.61 40.27 -11.42
C GLN A 161 -7.14 38.84 -11.61
N LEU A 162 -7.98 37.95 -12.13
CA LEU A 162 -7.50 36.67 -12.61
C LEU A 162 -6.68 36.85 -13.89
N SER A 163 -7.06 37.80 -14.74
CA SER A 163 -6.27 38.10 -15.93
C SER A 163 -4.94 38.73 -15.56
N GLN A 164 -4.92 39.60 -14.55
CA GLN A 164 -3.67 40.20 -14.11
C GLN A 164 -2.70 39.16 -13.59
N ALA A 165 -3.20 38.12 -12.93
CA ALA A 165 -2.37 37.05 -12.41
C ALA A 165 -1.96 36.04 -13.47
N GLY A 166 -2.37 36.23 -14.72
CA GLY A 166 -2.02 35.28 -15.76
C GLY A 166 -2.76 33.96 -15.67
N ILE A 167 -4.00 33.98 -15.20
CA ILE A 167 -4.82 32.78 -15.07
C ILE A 167 -5.91 32.82 -16.14
N PRO A 168 -5.74 32.08 -17.24
CA PRO A 168 -6.70 32.18 -18.35
C PRO A 168 -8.08 31.64 -17.94
N HIS A 169 -9.12 32.41 -18.28
CA HIS A 169 -10.46 32.05 -17.86
C HIS A 169 -11.49 32.64 -18.82
N SER A 170 -12.69 32.10 -18.77
CA SER A 170 -13.82 32.61 -19.54
C SER A 170 -15.10 32.37 -18.76
N TRP A 171 -15.99 33.35 -18.76
CA TRP A 171 -17.27 33.23 -18.08
C TRP A 171 -18.30 32.64 -19.02
N SER A 172 -18.95 31.56 -18.58
CA SER A 172 -19.94 30.86 -19.38
C SER A 172 -21.32 31.05 -18.78
N ASP A 173 -22.28 31.46 -19.60
CA ASP A 173 -23.66 31.58 -19.14
C ASP A 173 -24.25 30.24 -18.76
N ASP A 174 -23.88 29.17 -19.47
CA ASP A 174 -24.35 27.82 -19.19
C ASP A 174 -23.14 26.98 -18.81
N ILE A 175 -22.71 27.09 -17.55
CA ILE A 175 -21.53 26.37 -17.10
C ILE A 175 -21.80 24.88 -17.02
N LEU A 176 -23.05 24.48 -16.77
CA LEU A 176 -23.36 23.06 -16.67
C LEU A 176 -23.18 22.34 -18.00
N GLU A 177 -23.36 23.04 -19.12
CA GLU A 177 -23.10 22.43 -20.42
C GLU A 177 -21.62 22.12 -20.59
N ARG A 178 -20.74 22.95 -20.03
CA ARG A 178 -19.31 22.67 -20.07
C ARG A 178 -18.98 21.43 -19.25
N LEU A 179 -19.46 21.38 -18.00
CA LEU A 179 -19.14 20.27 -17.12
C LEU A 179 -19.65 18.94 -17.68
N TRP A 180 -20.85 18.95 -18.27
CA TRP A 180 -21.37 17.73 -18.87
C TRP A 180 -20.55 17.31 -20.08
N ARG A 181 -20.05 18.29 -20.85
CA ARG A 181 -19.16 17.96 -21.96
C ARG A 181 -17.91 17.24 -21.45
N LYS A 182 -17.27 17.79 -20.42
CA LYS A 182 -16.05 17.19 -19.91
C LYS A 182 -16.33 15.87 -19.20
N LEU A 183 -17.48 15.75 -18.55
CA LEU A 183 -17.83 14.50 -17.87
C LEU A 183 -18.02 13.36 -18.88
N ALA A 184 -18.82 13.62 -19.93
CA ALA A 184 -19.01 12.60 -20.95
C ALA A 184 -17.70 12.26 -21.65
N LEU A 185 -16.80 13.23 -21.79
CA LEU A 185 -15.47 12.95 -22.32
C LEU A 185 -14.71 11.99 -21.41
N ASN A 186 -14.84 12.18 -20.10
CA ASN A 186 -14.13 11.33 -19.15
C ASN A 186 -14.68 9.91 -19.13
N CYS A 187 -16.01 9.78 -19.26
CA CYS A 187 -16.62 8.45 -19.18
C CYS A 187 -16.25 7.58 -20.38
N ALA A 188 -16.09 8.18 -21.56
CA ALA A 188 -15.81 7.40 -22.76
C ALA A 188 -14.37 6.92 -22.83
N ILE A 189 -13.47 7.48 -22.03
CA ILE A 189 -12.04 7.21 -22.16
C ILE A 189 -11.48 6.56 -20.90
N ASN A 190 -11.59 7.26 -19.78
CA ASN A 190 -10.84 6.86 -18.58
C ASN A 190 -11.22 5.48 -18.04
N PRO A 191 -12.50 5.10 -17.90
CA PRO A 191 -12.79 3.75 -17.41
C PRO A 191 -12.16 2.64 -18.25
N LEU A 192 -12.21 2.76 -19.58
CA LEU A 192 -11.61 1.75 -20.44
C LEU A 192 -10.09 1.72 -20.29
N THR A 193 -9.46 2.87 -20.07
CA THR A 193 -8.01 2.89 -19.87
C THR A 193 -7.61 2.14 -18.62
N VAL A 194 -8.46 2.14 -17.59
CA VAL A 194 -8.15 1.40 -16.37
C VAL A 194 -8.41 -0.09 -16.58
N LEU A 195 -9.52 -0.45 -17.22
CA LEU A 195 -9.86 -1.85 -17.39
C LEU A 195 -8.93 -2.54 -18.38
N HIS A 196 -8.43 -1.81 -19.39
CA HIS A 196 -7.52 -2.38 -20.37
C HIS A 196 -6.05 -2.12 -20.06
N ASP A 197 -5.76 -1.29 -19.06
CA ASP A 197 -4.38 -1.00 -18.63
C ASP A 197 -3.54 -0.52 -19.81
N CYS A 198 -3.97 0.59 -20.41
CA CYS A 198 -3.34 1.10 -21.61
C CYS A 198 -3.38 2.63 -21.60
N ARG A 199 -2.51 3.21 -22.43
CA ARG A 199 -2.54 4.64 -22.66
C ARG A 199 -3.78 5.01 -23.47
N ASN A 200 -4.04 6.32 -23.57
CA ASN A 200 -5.21 6.77 -24.31
C ASN A 200 -5.13 6.39 -25.78
N GLY A 201 -3.93 6.27 -26.33
CA GLY A 201 -3.80 5.83 -27.71
C GLY A 201 -4.21 4.39 -27.93
N GLY A 202 -4.17 3.58 -26.87
CA GLY A 202 -4.54 2.19 -26.99
C GLY A 202 -6.02 1.96 -27.22
N LEU A 203 -6.84 2.98 -26.99
CA LEU A 203 -8.28 2.85 -27.21
C LEU A 203 -8.63 2.78 -28.70
N ARG A 204 -7.68 3.05 -29.59
CA ARG A 204 -7.93 2.87 -31.02
C ARG A 204 -8.22 1.41 -31.34
N GLN A 205 -7.67 0.48 -30.57
CA GLN A 205 -7.90 -0.94 -30.79
C GLN A 205 -9.28 -1.40 -30.35
N HIS A 206 -10.06 -0.52 -29.72
CA HIS A 206 -11.43 -0.83 -29.31
C HIS A 206 -12.40 0.21 -29.89
N PRO A 207 -12.52 0.26 -31.22
CA PRO A 207 -13.40 1.29 -31.81
C PRO A 207 -14.87 1.00 -31.64
N GLU A 208 -15.26 -0.29 -31.66
CA GLU A 208 -16.67 -0.63 -31.46
C GLU A 208 -17.13 -0.26 -30.06
N GLU A 209 -16.26 -0.44 -29.07
CA GLU A 209 -16.61 -0.12 -27.69
C GLU A 209 -16.74 1.39 -27.49
N ILE A 210 -15.85 2.17 -28.10
CA ILE A 210 -15.92 3.62 -27.99
C ILE A 210 -17.21 4.14 -28.62
N ALA A 211 -17.59 3.59 -29.77
CA ALA A 211 -18.81 4.04 -30.43
C ALA A 211 -20.05 3.65 -29.63
N ALA A 212 -20.05 2.46 -29.04
CA ALA A 212 -21.20 2.04 -28.23
C ALA A 212 -21.34 2.88 -26.98
N LEU A 213 -20.22 3.25 -26.36
CA LEU A 213 -20.28 4.10 -25.17
C LEU A 213 -20.72 5.52 -25.52
N CYS A 214 -20.16 6.08 -26.59
CA CYS A 214 -20.55 7.42 -27.01
C CYS A 214 -22.03 7.46 -27.42
N ASP A 215 -22.57 6.33 -27.88
CA ASP A 215 -23.99 6.28 -28.22
C ASP A 215 -24.85 6.47 -26.98
N GLU A 216 -24.61 5.66 -25.94
CA GLU A 216 -25.37 5.81 -24.71
C GLU A 216 -25.09 7.15 -24.03
N LEU A 217 -23.83 7.61 -24.08
CA LEU A 217 -23.52 8.94 -23.55
C LEU A 217 -24.17 10.04 -24.39
N GLY A 218 -24.38 9.78 -25.69
CA GLY A 218 -25.08 10.75 -26.50
C GLY A 218 -26.55 10.85 -26.15
N GLN A 219 -27.18 9.71 -25.87
CA GLN A 219 -28.58 9.73 -25.42
C GLN A 219 -28.71 10.46 -24.09
N LEU A 220 -27.78 10.22 -23.16
CA LEU A 220 -27.82 10.90 -21.87
C LEU A 220 -27.64 12.40 -22.03
N LEU A 221 -26.83 12.84 -22.99
CA LEU A 221 -26.62 14.27 -23.20
C LEU A 221 -27.85 14.91 -23.83
N HIS A 222 -28.52 14.22 -24.75
CA HIS A 222 -29.72 14.78 -25.37
C HIS A 222 -30.87 14.90 -24.37
N ALA A 223 -31.06 13.88 -23.54
CA ALA A 223 -32.10 13.94 -22.52
C ALA A 223 -31.83 15.00 -21.47
N SER A 224 -30.59 15.47 -21.35
CA SER A 224 -30.23 16.54 -20.43
C SER A 224 -30.35 17.92 -21.06
N GLY A 225 -30.72 18.00 -22.33
CA GLY A 225 -30.89 19.27 -23.01
C GLY A 225 -29.67 19.82 -23.70
N TYR A 226 -28.64 19.02 -23.89
CA TYR A 226 -27.39 19.46 -24.53
C TYR A 226 -27.26 18.74 -25.86
N ASP A 227 -28.00 19.24 -26.86
CA ASP A 227 -28.05 18.58 -28.16
C ASP A 227 -26.73 18.73 -28.91
N ALA A 228 -26.11 19.90 -28.84
CA ALA A 228 -24.87 20.14 -29.59
C ALA A 228 -23.74 19.25 -29.08
N ALA A 229 -23.66 19.07 -27.76
CA ALA A 229 -22.60 18.23 -27.21
C ALA A 229 -22.77 16.77 -27.59
N ALA A 230 -24.03 16.31 -27.76
CA ALA A 230 -24.27 14.91 -28.06
C ALA A 230 -23.92 14.58 -29.50
N ARG A 231 -24.07 15.53 -30.42
CA ARG A 231 -23.77 15.26 -31.83
C ARG A 231 -22.26 15.20 -32.08
N SER A 232 -21.50 16.11 -31.48
CA SER A 232 -20.06 16.18 -31.69
C SER A 232 -19.27 15.31 -30.73
N LEU A 233 -19.94 14.57 -29.84
CA LEU A 233 -19.24 13.83 -28.79
C LEU A 233 -18.31 12.79 -29.39
N LEU A 234 -18.81 11.98 -30.33
CA LEU A 234 -17.98 10.91 -30.90
C LEU A 234 -16.73 11.46 -31.58
N GLU A 235 -16.86 12.60 -32.26
CA GLU A 235 -15.69 13.21 -32.87
C GLU A 235 -14.85 13.98 -31.86
N ASP A 236 -15.48 14.54 -30.81
CA ASP A 236 -14.72 15.17 -29.74
C ASP A 236 -13.88 14.13 -29.00
N VAL A 237 -14.42 12.93 -28.81
CA VAL A 237 -13.67 11.88 -28.12
C VAL A 237 -12.47 11.44 -28.95
N ARG A 238 -12.68 11.19 -30.24
CA ARG A 238 -11.58 10.75 -31.10
C ARG A 238 -10.48 11.79 -31.20
N ALA A 239 -10.84 13.08 -31.11
CA ALA A 239 -9.81 14.12 -31.14
C ALA A 239 -8.94 14.09 -29.89
N VAL A 240 -9.56 13.86 -28.73
CA VAL A 240 -8.79 13.76 -27.49
C VAL A 240 -7.90 12.53 -27.48
N ILE A 241 -8.36 11.44 -28.13
CA ILE A 241 -7.55 10.22 -28.20
C ILE A 241 -6.23 10.51 -28.91
N ASP A 242 -6.29 11.19 -30.06
CA ASP A 242 -5.07 11.48 -30.81
C ASP A 242 -4.19 12.49 -30.09
N ALA A 243 -4.80 13.46 -29.41
CA ALA A 243 -4.02 14.50 -28.75
C ALA A 243 -3.29 13.97 -27.52
N THR A 244 -3.84 12.95 -26.86
CA THR A 244 -3.25 12.39 -25.64
C THR A 244 -2.89 10.93 -25.83
N ALA A 245 -2.56 10.53 -27.06
CA ALA A 245 -2.35 9.11 -27.36
C ALA A 245 -1.22 8.52 -26.54
N ALA A 246 -0.20 9.31 -26.20
CA ALA A 246 0.96 8.82 -25.47
C ALA A 246 0.81 8.95 -23.96
N ASN A 247 -0.29 9.51 -23.47
CA ASN A 247 -0.47 9.75 -22.06
C ASN A 247 -1.28 8.65 -21.39
N TYR A 248 -1.05 8.48 -20.09
CA TYR A 248 -1.94 7.71 -19.25
C TYR A 248 -2.98 8.64 -18.64
N SER A 249 -4.24 8.19 -18.63
CA SER A 249 -5.33 9.02 -18.14
C SER A 249 -5.16 9.31 -16.65
N SER A 250 -5.93 10.28 -16.17
CA SER A 250 -5.86 10.64 -14.75
C SER A 250 -6.38 9.50 -13.88
N MET A 251 -7.45 8.83 -14.30
CA MET A 251 -7.97 7.71 -13.52
C MET A 251 -7.03 6.52 -13.55
N HIS A 252 -6.33 6.31 -14.68
CA HIS A 252 -5.34 5.25 -14.74
C HIS A 252 -4.18 5.50 -13.78
N GLN A 253 -3.79 6.77 -13.63
CA GLN A 253 -2.67 7.09 -12.73
C GLN A 253 -3.09 6.99 -11.27
N ASP A 254 -4.34 7.28 -10.95
CA ASP A 254 -4.82 7.11 -9.59
C ASP A 254 -4.77 5.65 -9.16
N VAL A 255 -5.30 4.76 -10.00
CA VAL A 255 -5.32 3.34 -9.66
C VAL A 255 -3.91 2.78 -9.60
N THR A 256 -3.03 3.23 -10.49
CA THR A 256 -1.64 2.79 -10.46
C THR A 256 -0.96 3.17 -9.16
N ARG A 257 -1.21 4.39 -8.68
CA ARG A 257 -0.63 4.87 -7.43
C ARG A 257 -1.39 4.40 -6.19
N GLY A 258 -2.41 3.56 -6.36
CA GLY A 258 -3.17 3.09 -5.21
C GLY A 258 -4.02 4.13 -4.54
N ARG A 259 -4.39 5.19 -5.26
CA ARG A 259 -5.16 6.29 -4.70
C ARG A 259 -6.65 6.12 -5.00
N ARG A 260 -7.45 6.93 -4.32
CA ARG A 260 -8.89 6.90 -4.55
C ARG A 260 -9.22 7.56 -5.89
N THR A 261 -10.23 7.02 -6.56
CA THR A 261 -10.70 7.51 -7.86
C THR A 261 -11.94 8.36 -7.65
N GLU A 262 -12.05 9.42 -8.45
CA GLU A 262 -13.26 10.26 -8.47
C GLU A 262 -14.39 9.63 -9.27
N ILE A 263 -14.60 8.32 -9.14
CA ILE A 263 -15.58 7.62 -9.96
C ILE A 263 -17.00 8.04 -9.58
N GLY A 264 -17.23 8.30 -8.29
CA GLY A 264 -18.56 8.67 -7.82
C GLY A 264 -19.06 9.99 -8.37
N TYR A 265 -18.19 10.77 -8.99
CA TYR A 265 -18.57 12.06 -9.56
C TYR A 265 -18.35 12.10 -11.06
N LEU A 266 -17.99 10.97 -11.68
CA LEU A 266 -17.77 10.89 -13.11
C LEU A 266 -18.72 9.83 -13.66
N LEU A 267 -18.25 8.60 -13.85
CA LEU A 267 -19.13 7.56 -14.39
C LEU A 267 -20.26 7.21 -13.43
N GLY A 268 -19.99 7.26 -12.12
CA GLY A 268 -21.05 7.00 -11.16
C GLY A 268 -22.17 8.03 -11.22
N TYR A 269 -21.81 9.29 -11.43
CA TYR A 269 -22.83 10.33 -11.56
C TYR A 269 -23.61 10.19 -12.85
N ALA A 270 -22.93 9.79 -13.94
CA ALA A 270 -23.61 9.65 -15.22
C ALA A 270 -24.63 8.51 -15.19
N CYS A 271 -24.27 7.38 -14.59
CA CYS A 271 -25.21 6.27 -14.50
C CYS A 271 -26.37 6.61 -13.58
N GLN A 272 -26.11 7.35 -12.50
CA GLN A 272 -27.19 7.74 -11.60
C GLN A 272 -28.11 8.77 -12.24
N HIS A 273 -27.56 9.67 -13.06
CA HIS A 273 -28.40 10.68 -13.69
C HIS A 273 -29.36 10.07 -14.69
N GLY A 274 -28.88 9.11 -15.48
CA GLY A 274 -29.77 8.39 -16.39
C GLY A 274 -30.85 7.62 -15.67
N GLN A 275 -30.54 7.16 -14.45
CA GLN A 275 -31.56 6.47 -13.65
C GLN A 275 -32.60 7.45 -13.13
N ARG A 276 -32.17 8.64 -12.69
CA ARG A 276 -33.12 9.66 -12.26
C ARG A 276 -34.09 10.02 -13.36
N LEU A 277 -33.65 10.00 -14.61
CA LEU A 277 -34.54 10.18 -15.74
C LEU A 277 -35.32 8.90 -15.97
N GLY A 278 -35.11 8.27 -17.12
CA GLY A 278 -35.73 6.99 -17.42
C GLY A 278 -34.97 6.26 -18.50
N LEU A 279 -33.71 6.65 -18.69
CA LEU A 279 -32.90 6.12 -19.78
C LEU A 279 -32.21 4.84 -19.36
N PRO A 280 -32.48 3.71 -20.01
CA PRO A 280 -31.66 2.51 -19.80
C PRO A 280 -30.30 2.69 -20.48
N LEU A 281 -29.24 2.62 -19.67
CA LEU A 281 -27.87 2.75 -20.15
C LEU A 281 -27.09 1.50 -19.74
N PRO A 282 -27.35 0.36 -20.41
CA PRO A 282 -26.74 -0.91 -19.97
C PRO A 282 -25.23 -0.95 -20.13
N ARG A 283 -24.72 -0.51 -21.29
CA ARG A 283 -23.28 -0.58 -21.53
C ARG A 283 -22.51 0.33 -20.57
N LEU A 284 -23.07 1.50 -20.26
CA LEU A 284 -22.47 2.33 -19.22
C LEU A 284 -22.60 1.70 -17.85
N GLY A 285 -23.67 0.92 -17.64
CA GLY A 285 -23.85 0.29 -16.35
C GLY A 285 -22.88 -0.86 -16.12
N THR A 286 -22.71 -1.71 -17.12
CA THR A 286 -21.74 -2.81 -17.01
C THR A 286 -20.32 -2.28 -16.95
N LEU A 287 -20.04 -1.19 -17.67
CA LEU A 287 -18.74 -0.54 -17.55
C LEU A 287 -18.51 -0.05 -16.12
N LEU A 288 -19.56 0.49 -15.50
CA LEU A 288 -19.45 0.91 -14.10
C LEU A 288 -19.26 -0.28 -13.17
N ALA A 289 -20.01 -1.36 -13.42
CA ALA A 289 -19.89 -2.55 -12.57
C ALA A 289 -18.51 -3.17 -12.67
N ARG A 290 -17.92 -3.16 -13.87
CA ARG A 290 -16.57 -3.69 -14.04
C ARG A 290 -15.54 -2.80 -13.36
N LEU A 291 -15.68 -1.48 -13.49
CA LEU A 291 -14.71 -0.56 -12.91
C LEU A 291 -14.77 -0.60 -11.39
N GLN A 292 -15.97 -0.74 -10.83
CA GLN A 292 -16.09 -0.88 -9.37
C GLN A 292 -15.45 -2.16 -8.88
N ALA A 293 -15.66 -3.27 -9.61
CA ALA A 293 -15.02 -4.53 -9.24
C ALA A 293 -13.51 -4.45 -9.41
N HIS A 294 -13.04 -3.73 -10.42
CA HIS A 294 -11.61 -3.52 -10.60
C HIS A 294 -11.02 -2.76 -9.42
N LEU A 295 -11.74 -1.76 -8.91
CA LEU A 295 -11.26 -0.97 -7.79
C LEU A 295 -11.27 -1.79 -6.50
N ARG A 296 -12.37 -2.48 -6.22
CA ARG A 296 -12.44 -3.30 -5.01
C ARG A 296 -11.38 -4.40 -5.01
N GLN A 297 -11.05 -4.94 -6.19
CA GLN A 297 -10.08 -6.02 -6.28
C GLN A 297 -8.71 -5.60 -5.75
N ARG A 298 -8.41 -4.30 -5.77
CA ARG A 298 -7.14 -3.78 -5.29
C ARG A 298 -7.27 -3.04 -3.95
N GLY A 299 -8.39 -3.25 -3.24
CA GLY A 299 -8.58 -2.58 -1.97
C GLY A 299 -8.86 -1.10 -2.07
N LEU A 300 -9.26 -0.62 -3.25
CA LEU A 300 -9.58 0.77 -3.49
C LEU A 300 -11.08 1.02 -3.39
N PRO A 301 -11.50 2.21 -2.95
CA PRO A 301 -12.94 2.48 -2.84
C PRO A 301 -13.62 2.48 -4.20
N ASP A 302 -14.84 1.96 -4.23
CA ASP A 302 -15.65 1.94 -5.45
C ASP A 302 -16.52 3.18 -5.58
N ARG A 303 -16.38 4.15 -4.70
CA ARG A 303 -17.15 5.39 -4.75
C ARG A 303 -16.25 6.60 -4.53
N MET B 1 21.60 -11.70 10.23
CA MET B 1 22.14 -10.37 10.44
C MET B 1 21.13 -9.28 10.05
N THR B 2 21.13 -8.19 10.81
CA THR B 2 20.21 -7.09 10.55
C THR B 2 20.55 -6.41 9.23
N TRP B 3 19.54 -6.22 8.39
CA TRP B 3 19.67 -5.47 7.14
C TRP B 3 19.44 -4.00 7.45
N HIS B 4 20.53 -3.25 7.59
CA HIS B 4 20.42 -1.79 7.74
C HIS B 4 20.23 -1.15 6.37
N ILE B 5 19.24 -0.28 6.26
CA ILE B 5 18.87 0.35 5.00
C ILE B 5 19.14 1.84 5.15
N LEU B 6 20.22 2.33 4.53
CA LEU B 6 20.54 3.76 4.52
C LEU B 6 20.00 4.33 3.22
N GLY B 7 19.03 5.22 3.33
CA GLY B 7 18.37 5.78 2.16
C GLY B 7 17.00 5.20 1.94
N ALA B 8 16.01 5.67 2.71
CA ALA B 8 14.66 5.11 2.65
C ALA B 8 13.85 5.75 1.53
N GLY B 9 14.40 5.76 0.33
CA GLY B 9 13.73 6.29 -0.85
C GLY B 9 13.00 5.22 -1.62
N SER B 10 13.01 5.35 -2.95
CA SER B 10 12.29 4.44 -3.83
C SER B 10 12.82 3.01 -3.72
N LEU B 11 14.05 2.78 -4.17
CA LEU B 11 14.62 1.44 -4.12
C LEU B 11 14.84 0.97 -2.68
N GLY B 12 15.17 1.89 -1.78
CA GLY B 12 15.40 1.49 -0.39
C GLY B 12 14.16 0.92 0.26
N SER B 13 13.00 1.52 -0.01
CA SER B 13 11.75 1.02 0.56
C SER B 13 11.28 -0.26 -0.10
N LEU B 14 11.50 -0.40 -1.41
CA LEU B 14 11.16 -1.64 -2.09
C LEU B 14 11.94 -2.82 -1.53
N TRP B 15 13.22 -2.60 -1.21
CA TRP B 15 14.02 -3.67 -0.63
C TRP B 15 13.66 -3.91 0.83
N ALA B 16 13.42 -2.84 1.59
CA ALA B 16 13.13 -2.99 3.01
C ALA B 16 11.81 -3.74 3.22
N ALA B 17 10.77 -3.36 2.47
CA ALA B 17 9.47 -4.00 2.63
C ALA B 17 9.54 -5.49 2.31
N ARG B 18 10.22 -5.84 1.22
CA ARG B 18 10.27 -7.25 0.81
C ARG B 18 11.07 -8.09 1.79
N LEU B 19 12.18 -7.55 2.31
CA LEU B 19 12.94 -8.28 3.32
C LEU B 19 12.16 -8.39 4.63
N GLY B 20 11.51 -7.31 5.05
CA GLY B 20 10.85 -7.30 6.35
C GLY B 20 9.68 -8.25 6.42
N ARG B 21 8.78 -8.18 5.43
CA ARG B 21 7.59 -9.03 5.44
C ARG B 21 7.93 -10.50 5.28
N ALA B 22 9.12 -10.83 4.81
CA ALA B 22 9.57 -12.21 4.68
C ALA B 22 10.19 -12.76 5.96
N GLY B 23 10.17 -11.98 7.04
CA GLY B 23 10.71 -12.42 8.31
C GLY B 23 12.16 -12.08 8.55
N LEU B 24 12.79 -11.32 7.67
CA LEU B 24 14.19 -10.96 7.83
C LEU B 24 14.32 -9.65 8.61
N PRO B 25 15.32 -9.54 9.48
CA PRO B 25 15.46 -8.33 10.30
C PRO B 25 15.91 -7.14 9.46
N VAL B 26 15.15 -6.06 9.52
CA VAL B 26 15.39 -4.85 8.75
C VAL B 26 15.38 -3.65 9.69
N ARG B 27 16.31 -2.72 9.46
CA ARG B 27 16.37 -1.49 10.25
C ARG B 27 16.62 -0.32 9.31
N LEU B 28 15.69 0.62 9.28
CA LEU B 28 15.84 1.81 8.46
C LEU B 28 16.76 2.82 9.15
N ILE B 29 17.60 3.47 8.37
CA ILE B 29 18.50 4.53 8.86
C ILE B 29 18.06 5.81 8.19
N LEU B 30 17.25 6.61 8.90
CA LEU B 30 16.77 7.87 8.36
C LEU B 30 17.81 8.97 8.57
N ARG B 31 17.52 10.15 8.00
CA ARG B 31 18.53 11.20 7.96
C ARG B 31 18.75 11.81 9.34
N ASP B 32 17.68 12.15 10.05
CA ASP B 32 17.79 12.84 11.32
C ASP B 32 16.58 12.51 12.18
N ARG B 33 16.51 13.16 13.35
CA ARG B 33 15.41 12.89 14.29
C ARG B 33 14.09 13.42 13.77
N GLN B 34 14.10 14.55 13.04
CA GLN B 34 12.87 15.07 12.48
C GLN B 34 12.26 14.11 11.47
N ARG B 35 13.10 13.48 10.65
CA ARG B 35 12.61 12.50 9.69
C ARG B 35 12.14 11.23 10.40
N LEU B 36 12.74 10.91 11.55
CA LEU B 36 12.34 9.73 12.30
C LEU B 36 10.93 9.90 12.86
N ARG B 37 10.65 11.05 13.48
CA ARG B 37 9.35 11.27 14.09
C ARG B 37 8.24 11.37 13.05
N ARG B 38 8.54 11.94 11.88
CA ARG B 38 7.56 11.92 10.79
C ARG B 38 7.30 10.49 10.31
N TYR B 39 8.32 9.64 10.33
CA TYR B 39 8.12 8.24 9.97
C TYR B 39 7.27 7.52 11.00
N GLN B 40 7.53 7.75 12.30
CA GLN B 40 6.74 7.11 13.34
C GLN B 40 5.29 7.59 13.32
N GLN B 41 5.06 8.86 12.96
CA GLN B 41 3.69 9.33 12.80
C GLN B 41 2.99 8.64 11.63
N ALA B 42 3.74 8.32 10.57
CA ALA B 42 3.15 7.58 9.46
C ALA B 42 2.89 6.13 9.82
N GLY B 43 3.73 5.54 10.66
CA GLY B 43 3.56 4.16 11.06
C GLY B 43 4.56 3.21 10.43
N GLY B 44 4.81 3.38 9.13
CA GLY B 44 5.74 2.50 8.44
C GLY B 44 5.82 2.85 6.98
N LEU B 45 6.45 1.94 6.23
CA LEU B 45 6.62 2.12 4.79
C LEU B 45 5.40 1.60 4.05
N SER B 46 4.86 2.43 3.16
CA SER B 46 3.76 2.03 2.29
C SER B 46 4.32 1.65 0.92
N LEU B 47 3.98 0.44 0.47
CA LEU B 47 4.39 -0.05 -0.84
C LEU B 47 3.14 -0.36 -1.65
N VAL B 48 3.14 0.06 -2.91
CA VAL B 48 1.99 -0.14 -3.80
C VAL B 48 2.40 -1.16 -4.85
N GLU B 49 1.75 -2.32 -4.83
CA GLU B 49 2.01 -3.40 -5.79
C GLU B 49 0.71 -3.69 -6.53
N ASP B 50 0.75 -3.53 -7.86
CA ASP B 50 -0.41 -3.79 -8.72
C ASP B 50 -1.64 -3.02 -8.26
N GLY B 51 -1.41 -1.78 -7.81
CA GLY B 51 -2.49 -0.91 -7.39
C GLY B 51 -2.93 -1.10 -5.95
N GLN B 52 -2.37 -2.07 -5.23
CA GLN B 52 -2.75 -2.32 -3.85
C GLN B 52 -1.64 -1.84 -2.92
N ALA B 53 -2.02 -1.11 -1.88
CA ALA B 53 -1.07 -0.54 -0.93
C ALA B 53 -1.02 -1.38 0.34
N SER B 54 0.19 -1.56 0.86
CA SER B 54 0.42 -2.27 2.12
C SER B 54 1.38 -1.46 2.97
N LEU B 55 1.10 -1.39 4.27
CA LEU B 55 1.94 -0.64 5.21
C LEU B 55 2.69 -1.63 6.08
N TYR B 56 4.01 -1.49 6.12
CA TYR B 56 4.88 -2.39 6.87
C TYR B 56 5.57 -1.61 7.99
N PRO B 57 5.31 -1.92 9.26
CA PRO B 57 5.91 -1.16 10.37
C PRO B 57 7.38 -1.49 10.60
N ILE B 58 8.21 -1.15 9.62
CA ILE B 58 9.63 -1.38 9.72
C ILE B 58 10.22 -0.48 10.82
N ALA B 59 11.21 -0.99 11.53
CA ALA B 59 11.91 -0.19 12.53
C ALA B 59 12.87 0.78 11.86
N ALA B 60 13.01 1.96 12.45
CA ALA B 60 13.86 3.00 11.91
C ALA B 60 14.69 3.61 13.03
N GLU B 61 15.73 4.34 12.64
CA GLU B 61 16.66 4.95 13.60
C GLU B 61 17.43 6.05 12.90
N THR B 62 18.18 6.81 13.71
CA THR B 62 19.09 7.83 13.25
C THR B 62 20.50 7.27 13.11
N PRO B 63 21.37 7.92 12.32
CA PRO B 63 22.71 7.37 12.11
C PRO B 63 23.59 7.40 13.36
N ASP B 64 23.23 8.19 14.38
CA ASP B 64 24.12 8.33 15.54
C ASP B 64 23.95 7.18 16.52
N GLY B 65 22.73 6.92 16.96
CA GLY B 65 22.47 5.90 17.96
C GLY B 65 21.95 4.61 17.33
N GLY B 66 22.58 3.50 17.72
CA GLY B 66 22.16 2.22 17.20
C GLY B 66 23.19 1.15 17.52
N GLN B 67 22.97 -0.02 16.94
CA GLN B 67 23.82 -1.18 17.13
C GLN B 67 24.93 -1.20 16.08
N PRO B 68 25.94 -2.06 16.25
CA PRO B 68 26.95 -2.21 15.19
C PRO B 68 26.31 -2.67 13.88
N ILE B 69 26.82 -2.13 12.78
CA ILE B 69 26.30 -2.40 11.45
C ILE B 69 27.17 -3.46 10.80
N GLN B 70 26.57 -4.61 10.47
CA GLN B 70 27.27 -5.69 9.79
C GLN B 70 26.88 -5.84 8.34
N ARG B 71 25.65 -5.46 7.97
CA ARG B 71 25.18 -5.56 6.59
C ARG B 71 24.38 -4.31 6.28
N LEU B 72 24.87 -3.52 5.33
CA LEU B 72 24.31 -2.21 5.01
C LEU B 72 23.93 -2.15 3.55
N LEU B 73 22.69 -1.71 3.28
CA LEU B 73 22.23 -1.44 1.92
C LEU B 73 22.18 0.07 1.73
N LEU B 74 23.02 0.58 0.83
CA LEU B 74 23.10 2.00 0.55
C LEU B 74 22.23 2.31 -0.66
N ALA B 75 21.08 2.95 -0.41
CA ALA B 75 20.10 3.19 -1.48
C ALA B 75 19.80 4.68 -1.62
N CYS B 76 20.84 5.49 -1.85
CA CYS B 76 20.69 6.90 -2.08
C CYS B 76 21.25 7.26 -3.46
N LYS B 77 21.00 8.49 -3.88
CA LYS B 77 21.53 8.98 -5.15
C LYS B 77 23.05 8.94 -5.12
N ALA B 78 23.64 8.82 -6.32
CA ALA B 78 25.09 8.67 -6.41
C ALA B 78 25.83 9.85 -5.81
N TYR B 79 25.28 11.05 -5.92
CA TYR B 79 25.94 12.24 -5.38
C TYR B 79 25.84 12.35 -3.86
N ASP B 80 25.02 11.53 -3.22
CA ASP B 80 24.92 11.49 -1.77
C ASP B 80 25.57 10.25 -1.15
N ALA B 81 26.20 9.40 -1.96
CA ALA B 81 26.64 8.10 -1.47
C ALA B 81 27.77 8.23 -0.47
N GLU B 82 28.78 9.05 -0.79
CA GLU B 82 29.96 9.14 0.08
C GLU B 82 29.62 9.82 1.39
N GLU B 83 28.83 10.89 1.36
CA GLU B 83 28.43 11.57 2.59
C GLU B 83 27.56 10.67 3.44
N ALA B 84 26.72 9.86 2.82
CA ALA B 84 25.87 8.94 3.58
C ALA B 84 26.70 7.85 4.26
N ALA B 85 27.68 7.30 3.54
CA ALA B 85 28.53 6.27 4.13
C ALA B 85 29.38 6.82 5.28
N SER B 86 29.81 8.08 5.17
CA SER B 86 30.59 8.68 6.25
C SER B 86 29.77 8.93 7.51
N SER B 87 28.44 9.05 7.37
CA SER B 87 27.60 9.31 8.54
C SER B 87 27.43 8.08 9.43
N VAL B 88 27.68 6.88 8.90
CA VAL B 88 27.58 5.65 9.67
C VAL B 88 28.89 4.88 9.71
N ALA B 89 30.00 5.51 9.32
CA ALA B 89 31.29 4.84 9.32
C ALA B 89 31.76 4.50 10.73
N HIS B 90 31.25 5.17 11.75
CA HIS B 90 31.63 4.89 13.13
C HIS B 90 30.91 3.68 13.72
N ARG B 91 29.87 3.17 13.05
CA ARG B 91 29.15 2.00 13.52
C ARG B 91 29.50 0.74 12.76
N LEU B 92 30.29 0.83 11.70
CA LEU B 92 30.60 -0.34 10.88
C LEU B 92 31.44 -1.33 11.67
N ALA B 93 30.96 -2.57 11.73
CA ALA B 93 31.72 -3.63 12.36
C ALA B 93 32.91 -4.02 11.48
N GLY B 94 33.78 -4.87 12.04
CA GLY B 94 34.95 -5.31 11.29
C GLY B 94 34.59 -6.12 10.07
N ASN B 95 33.53 -6.93 10.15
CA ASN B 95 33.07 -7.76 9.05
C ASN B 95 31.92 -7.12 8.29
N ALA B 96 31.88 -5.78 8.23
CA ALA B 96 30.78 -5.10 7.59
C ALA B 96 30.80 -5.30 6.08
N GLU B 97 29.63 -5.58 5.52
CA GLU B 97 29.44 -5.69 4.08
C GLU B 97 28.43 -4.66 3.62
N LEU B 98 28.70 -4.03 2.48
CA LEU B 98 27.85 -3.00 1.93
C LEU B 98 27.40 -3.39 0.52
N LEU B 99 26.12 -3.17 0.23
CA LEU B 99 25.55 -3.40 -1.08
C LEU B 99 25.14 -2.04 -1.65
N LEU B 100 25.83 -1.60 -2.70
CA LEU B 100 25.67 -0.27 -3.25
C LEU B 100 24.76 -0.32 -4.47
N LEU B 101 23.60 0.35 -4.37
CA LEU B 101 22.63 0.39 -5.46
C LEU B 101 22.78 1.61 -6.35
N GLN B 102 23.83 2.40 -6.15
CA GLN B 102 23.99 3.65 -6.90
C GLN B 102 24.18 3.37 -8.39
N ASN B 103 23.64 4.26 -9.21
CA ASN B 103 23.74 4.13 -10.66
C ASN B 103 25.02 4.78 -11.17
N GLY B 104 25.39 4.43 -12.39
CA GLY B 104 26.59 4.98 -12.97
C GLY B 104 27.86 4.44 -12.30
N LEU B 105 28.93 5.21 -12.45
CA LEU B 105 30.22 4.86 -11.89
C LEU B 105 30.82 6.07 -11.19
N GLY B 106 31.76 5.81 -10.29
CA GLY B 106 32.42 6.88 -9.56
C GLY B 106 32.17 6.85 -8.08
N SER B 107 30.89 6.91 -7.68
CA SER B 107 30.56 6.94 -6.25
C SER B 107 30.88 5.61 -5.58
N GLN B 108 30.75 4.50 -6.30
CA GLN B 108 31.07 3.21 -5.72
C GLN B 108 32.55 3.11 -5.36
N GLN B 109 33.42 3.59 -6.25
CA GLN B 109 34.85 3.59 -5.96
C GLN B 109 35.20 4.58 -4.85
N ALA B 110 34.47 5.70 -4.78
CA ALA B 110 34.71 6.66 -3.71
C ALA B 110 34.29 6.10 -2.35
N VAL B 111 33.16 5.37 -2.31
CA VAL B 111 32.75 4.72 -1.07
C VAL B 111 33.73 3.62 -0.69
N ALA B 112 34.12 2.80 -1.66
CA ALA B 112 35.05 1.71 -1.38
C ALA B 112 36.40 2.22 -0.90
N ALA B 113 36.85 3.36 -1.42
CA ALA B 113 38.10 3.94 -0.93
C ALA B 113 37.93 4.63 0.41
N ARG B 114 36.72 5.14 0.70
CA ARG B 114 36.46 5.75 1.99
C ARG B 114 36.42 4.70 3.10
N LEU B 115 35.98 3.47 2.78
CA LEU B 115 35.84 2.38 3.74
C LEU B 115 36.72 1.22 3.29
N PRO B 116 38.04 1.30 3.53
CA PRO B 116 38.92 0.20 3.12
C PRO B 116 38.76 -1.06 3.95
N ARG B 117 38.31 -0.95 5.20
CA ARG B 117 38.16 -2.09 6.09
C ARG B 117 36.81 -2.77 5.97
N SER B 118 36.00 -2.40 4.98
CA SER B 118 34.68 -2.98 4.78
C SER B 118 34.54 -3.44 3.34
N ARG B 119 33.72 -4.47 3.13
CA ARG B 119 33.49 -5.02 1.80
C ARG B 119 32.35 -4.26 1.13
N CYS B 120 32.60 -3.82 -0.10
CA CYS B 120 31.63 -3.04 -0.87
C CYS B 120 31.23 -3.85 -2.11
N LEU B 121 30.01 -4.37 -2.10
CA LEU B 121 29.47 -5.10 -3.25
C LEU B 121 28.72 -4.14 -4.16
N PHE B 122 28.98 -4.23 -5.46
CA PHE B 122 28.34 -3.36 -6.44
C PHE B 122 27.11 -4.03 -7.00
N ALA B 123 26.08 -3.23 -7.27
CA ALA B 123 24.80 -3.73 -7.75
C ALA B 123 24.32 -2.92 -8.94
N SER B 124 23.56 -3.58 -9.81
CA SER B 124 22.94 -2.93 -10.96
C SER B 124 21.53 -3.50 -11.11
N SER B 125 20.53 -2.65 -10.93
CA SER B 125 19.14 -3.08 -10.91
C SER B 125 18.38 -2.53 -12.11
N THR B 126 17.41 -3.31 -12.59
CA THR B 126 16.50 -2.88 -13.64
C THR B 126 15.07 -2.75 -13.12
N GLU B 127 14.87 -2.85 -11.81
CA GLU B 127 13.55 -2.64 -11.24
C GLU B 127 13.17 -1.17 -11.31
N GLY B 128 11.87 -0.91 -11.20
CA GLY B 128 11.37 0.45 -11.30
C GLY B 128 10.44 0.84 -10.17
N ALA B 129 10.78 1.90 -9.46
CA ALA B 129 9.98 2.38 -8.34
C ALA B 129 10.17 3.88 -8.19
N PHE B 130 9.10 4.57 -7.78
CA PHE B 130 9.15 6.01 -7.58
C PHE B 130 8.38 6.37 -6.32
N ARG B 131 8.69 7.56 -5.80
CA ARG B 131 8.02 8.07 -4.61
C ARG B 131 6.67 8.68 -4.96
N ASP B 132 5.71 8.52 -4.06
CA ASP B 132 4.36 9.07 -4.20
C ASP B 132 3.84 9.33 -2.78
N GLY B 133 4.49 10.26 -2.11
CA GLY B 133 4.37 10.44 -0.68
C GLY B 133 5.70 10.16 0.02
N ASP B 134 5.84 10.71 1.22
CA ASP B 134 7.13 10.69 1.89
C ASP B 134 7.62 9.26 2.14
N PHE B 135 6.75 8.40 2.66
CA PHE B 135 7.09 7.02 2.93
C PHE B 135 6.18 6.07 2.14
N ARG B 136 5.91 6.43 0.89
CA ARG B 136 5.03 5.67 0.02
C ARG B 136 5.71 5.50 -1.33
N VAL B 137 5.92 4.25 -1.75
CA VAL B 137 6.65 3.93 -2.96
C VAL B 137 5.79 3.02 -3.83
N VAL B 138 5.71 3.33 -5.12
CA VAL B 138 4.95 2.54 -6.08
C VAL B 138 5.91 1.59 -6.79
N PHE B 139 5.63 0.29 -6.70
CA PHE B 139 6.41 -0.73 -7.40
C PHE B 139 5.95 -0.72 -8.85
N ALA B 140 6.57 0.15 -9.65
CA ALA B 140 6.11 0.38 -11.02
C ALA B 140 6.48 -0.79 -11.93
N GLY B 141 7.78 -1.07 -12.07
CA GLY B 141 8.22 -2.10 -12.98
C GLY B 141 9.08 -3.17 -12.35
N ARG B 142 8.80 -4.43 -12.69
CA ARG B 142 9.60 -5.55 -12.19
C ARG B 142 10.82 -5.74 -13.08
N GLY B 143 11.94 -6.10 -12.46
CA GLY B 143 13.19 -6.26 -13.16
C GLY B 143 14.10 -7.24 -12.46
N HIS B 144 15.41 -7.01 -12.57
CA HIS B 144 16.42 -7.92 -12.05
C HIS B 144 17.55 -7.11 -11.43
N THR B 145 18.26 -7.72 -10.48
CA THR B 145 19.35 -7.05 -9.78
C THR B 145 20.59 -7.93 -9.82
N TRP B 146 21.64 -7.45 -10.47
CA TRP B 146 22.91 -8.15 -10.49
C TRP B 146 23.80 -7.65 -9.36
N LEU B 147 24.61 -8.57 -8.82
CA LEU B 147 25.53 -8.25 -7.75
C LEU B 147 26.93 -8.75 -8.12
N GLY B 148 27.94 -8.17 -7.50
CA GLY B 148 29.30 -8.58 -7.76
C GLY B 148 30.27 -7.81 -6.90
N ASP B 149 31.54 -8.19 -7.02
CA ASP B 149 32.62 -7.55 -6.28
C ASP B 149 33.91 -7.74 -7.07
N PRO B 150 34.53 -6.67 -7.57
CA PRO B 150 35.74 -6.82 -8.38
C PRO B 150 36.93 -7.38 -7.61
N ARG B 151 36.93 -7.27 -6.29
CA ARG B 151 38.04 -7.83 -5.50
C ARG B 151 37.75 -9.24 -4.98
N ASP B 152 36.50 -9.54 -4.66
CA ASP B 152 36.12 -10.81 -4.03
C ASP B 152 35.00 -11.43 -4.85
N THR B 153 35.33 -12.39 -5.71
CA THR B 153 34.39 -12.92 -6.68
C THR B 153 33.54 -14.06 -6.15
N ASN B 154 33.65 -14.42 -4.88
CA ASN B 154 32.84 -15.49 -4.30
C ASN B 154 31.55 -14.92 -3.73
N ALA B 155 30.43 -15.55 -4.07
CA ALA B 155 29.13 -15.04 -3.67
C ALA B 155 28.95 -15.18 -2.16
N PRO B 156 28.30 -14.22 -1.51
CA PRO B 156 28.07 -14.32 -0.07
C PRO B 156 27.00 -15.37 0.24
N ALA B 157 26.88 -15.69 1.53
CA ALA B 157 25.91 -16.69 1.96
C ALA B 157 24.49 -16.12 2.02
N TRP B 158 24.35 -14.81 2.22
CA TRP B 158 23.04 -14.20 2.39
C TRP B 158 22.31 -13.97 1.07
N LEU B 159 22.81 -14.51 -0.04
CA LEU B 159 22.09 -14.37 -1.31
C LEU B 159 20.76 -15.11 -1.26
N THR B 160 20.67 -16.20 -0.51
CA THR B 160 19.42 -16.95 -0.42
C THR B 160 18.37 -16.20 0.39
N GLN B 161 18.78 -15.29 1.27
CA GLN B 161 17.81 -14.46 1.98
C GLN B 161 17.07 -13.54 1.02
N LEU B 162 17.75 -13.10 -0.05
CA LEU B 162 17.08 -12.32 -1.08
C LEU B 162 16.04 -13.15 -1.81
N SER B 163 16.34 -14.44 -2.04
CA SER B 163 15.37 -15.32 -2.68
C SER B 163 14.17 -15.57 -1.78
N GLN B 164 14.39 -15.63 -0.46
CA GLN B 164 13.25 -15.77 0.46
C GLN B 164 12.34 -14.56 0.38
N ALA B 165 12.91 -13.37 0.20
CA ALA B 165 12.13 -12.15 0.06
C ALA B 165 11.54 -11.96 -1.33
N GLY B 166 11.81 -12.86 -2.26
CA GLY B 166 11.29 -12.73 -3.60
C GLY B 166 11.97 -11.65 -4.42
N ILE B 167 13.24 -11.37 -4.13
CA ILE B 167 14.00 -10.35 -4.86
C ILE B 167 14.77 -11.04 -5.98
N PRO B 168 14.38 -10.86 -7.24
CA PRO B 168 15.11 -11.51 -8.34
C PRO B 168 16.54 -10.97 -8.43
N HIS B 169 17.52 -11.86 -8.37
CA HIS B 169 18.91 -11.44 -8.37
C HIS B 169 19.78 -12.50 -9.04
N SER B 170 21.01 -12.09 -9.35
CA SER B 170 22.02 -12.97 -9.92
C SER B 170 23.40 -12.45 -9.52
N TRP B 171 24.32 -13.38 -9.29
CA TRP B 171 25.70 -13.03 -8.97
C TRP B 171 26.48 -12.88 -10.27
N SER B 172 27.04 -11.70 -10.49
CA SER B 172 27.73 -11.39 -11.74
C SER B 172 29.23 -11.67 -11.60
N ASP B 173 29.80 -12.35 -12.59
CA ASP B 173 31.23 -12.60 -12.58
C ASP B 173 32.02 -11.33 -12.88
N ASP B 174 31.40 -10.38 -13.61
CA ASP B 174 32.05 -9.12 -13.99
C ASP B 174 30.99 -8.02 -13.83
N ILE B 175 30.80 -7.58 -12.58
CA ILE B 175 29.80 -6.54 -12.31
C ILE B 175 30.26 -5.20 -12.87
N LEU B 176 31.59 -4.99 -12.97
CA LEU B 176 32.08 -3.73 -13.49
C LEU B 176 31.85 -3.62 -14.99
N GLU B 177 31.80 -4.75 -15.71
CA GLU B 177 31.47 -4.72 -17.13
C GLU B 177 30.00 -4.36 -17.33
N ARG B 178 29.12 -4.85 -16.45
CA ARG B 178 27.71 -4.58 -16.60
C ARG B 178 27.39 -3.13 -16.28
N LEU B 179 28.05 -2.56 -15.27
CA LEU B 179 27.85 -1.15 -14.96
C LEU B 179 28.31 -0.26 -16.12
N TRP B 180 29.41 -0.62 -16.77
CA TRP B 180 29.87 0.14 -17.93
C TRP B 180 28.88 0.05 -19.09
N ARG B 181 28.29 -1.14 -19.29
CA ARG B 181 27.33 -1.31 -20.37
C ARG B 181 26.07 -0.49 -20.11
N LYS B 182 25.63 -0.42 -18.86
CA LYS B 182 24.47 0.39 -18.52
C LYS B 182 24.77 1.87 -18.61
N LEU B 183 26.02 2.27 -18.34
CA LEU B 183 26.37 3.69 -18.41
C LEU B 183 26.38 4.18 -19.85
N ALA B 184 26.96 3.40 -20.77
CA ALA B 184 26.97 3.79 -22.18
C ALA B 184 25.54 3.89 -22.73
N LEU B 185 24.66 2.98 -22.30
CA LEU B 185 23.27 3.05 -22.72
C LEU B 185 22.61 4.32 -22.21
N ASN B 186 22.93 4.74 -20.98
CA ASN B 186 22.38 5.97 -20.44
C ASN B 186 22.90 7.19 -21.20
N CYS B 187 24.19 7.19 -21.55
CA CYS B 187 24.78 8.35 -22.20
C CYS B 187 24.20 8.55 -23.60
N ALA B 188 23.85 7.46 -24.28
CA ALA B 188 23.41 7.58 -25.66
C ALA B 188 21.97 8.09 -25.76
N ILE B 189 21.18 7.90 -24.70
CA ILE B 189 19.74 8.16 -24.74
C ILE B 189 19.35 9.35 -23.87
N ASN B 190 19.69 9.31 -22.59
CA ASN B 190 19.11 10.26 -21.64
C ASN B 190 19.49 11.71 -21.91
N PRO B 191 20.77 12.07 -22.17
CA PRO B 191 21.07 13.49 -22.43
C PRO B 191 20.28 14.08 -23.58
N LEU B 192 20.13 13.33 -24.69
CA LEU B 192 19.41 13.85 -25.84
C LEU B 192 17.93 14.03 -25.53
N THR B 193 17.35 13.14 -24.72
CA THR B 193 15.94 13.29 -24.34
C THR B 193 15.72 14.55 -23.53
N VAL B 194 16.70 14.95 -22.71
CA VAL B 194 16.58 16.19 -21.96
C VAL B 194 16.73 17.39 -22.88
N LEU B 195 17.68 17.34 -23.82
CA LEU B 195 17.93 18.49 -24.68
C LEU B 195 16.80 18.69 -25.68
N HIS B 196 16.25 17.60 -26.22
CA HIS B 196 15.15 17.70 -27.18
C HIS B 196 13.79 17.68 -26.52
N ASP B 197 13.71 17.44 -25.21
CA ASP B 197 12.46 17.44 -24.45
C ASP B 197 11.44 16.51 -25.11
N CYS B 198 11.84 15.26 -25.28
CA CYS B 198 11.03 14.27 -25.98
C CYS B 198 11.07 12.95 -25.25
N ARG B 199 10.15 12.06 -25.63
CA ARG B 199 10.16 10.69 -25.14
C ARG B 199 11.25 9.90 -25.84
N ASN B 200 11.49 8.68 -25.35
CA ASN B 200 12.56 7.86 -25.91
C ASN B 200 12.34 7.58 -27.38
N GLY B 201 11.08 7.43 -27.81
CA GLY B 201 10.79 7.25 -29.22
C GLY B 201 11.13 8.45 -30.07
N GLY B 202 11.27 9.62 -29.45
CA GLY B 202 11.64 10.82 -30.20
C GLY B 202 13.06 10.78 -30.75
N LEU B 203 13.90 9.88 -30.24
CA LEU B 203 15.26 9.76 -30.74
C LEU B 203 15.34 9.09 -32.10
N ARG B 204 14.22 8.55 -32.60
CA ARG B 204 14.20 8.04 -33.96
C ARG B 204 14.42 9.16 -34.97
N GLN B 205 13.99 10.37 -34.65
CA GLN B 205 14.21 11.54 -35.51
C GLN B 205 15.62 12.09 -35.41
N HIS B 206 16.51 11.42 -34.68
CA HIS B 206 17.93 11.80 -34.61
C HIS B 206 18.81 10.58 -34.76
N PRO B 207 18.72 9.87 -35.90
CA PRO B 207 19.55 8.66 -36.06
C PRO B 207 21.01 8.97 -36.34
N GLU B 208 21.31 10.16 -36.86
CA GLU B 208 22.70 10.51 -37.13
C GLU B 208 23.48 10.71 -35.84
N GLU B 209 22.92 11.48 -34.91
CA GLU B 209 23.61 11.77 -33.66
C GLU B 209 23.71 10.52 -32.78
N ILE B 210 22.69 9.67 -32.81
CA ILE B 210 22.73 8.43 -32.03
C ILE B 210 23.84 7.51 -32.54
N ALA B 211 24.02 7.45 -33.87
CA ALA B 211 25.00 6.55 -34.44
C ALA B 211 26.42 6.96 -34.06
N ALA B 212 26.73 8.26 -34.15
CA ALA B 212 28.08 8.72 -33.84
C ALA B 212 28.36 8.74 -32.34
N LEU B 213 27.34 8.99 -31.52
CA LEU B 213 27.53 8.92 -30.07
C LEU B 213 27.83 7.50 -29.63
N CYS B 214 27.11 6.52 -30.17
CA CYS B 214 27.43 5.13 -29.90
C CYS B 214 28.79 4.72 -30.44
N ASP B 215 29.30 5.47 -31.43
CA ASP B 215 30.63 5.17 -31.96
C ASP B 215 31.72 5.60 -30.98
N GLU B 216 31.60 6.81 -30.43
CA GLU B 216 32.57 7.26 -29.43
C GLU B 216 32.48 6.44 -28.16
N LEU B 217 31.26 6.12 -27.71
CA LEU B 217 31.10 5.25 -26.55
C LEU B 217 31.69 3.86 -26.82
N GLY B 218 31.59 3.39 -28.06
CA GLY B 218 32.20 2.11 -28.39
C GLY B 218 33.72 2.13 -28.28
N GLN B 219 34.34 3.26 -28.67
CA GLN B 219 35.77 3.40 -28.49
C GLN B 219 36.13 3.47 -27.02
N LEU B 220 35.31 4.16 -26.22
CA LEU B 220 35.56 4.25 -24.79
C LEU B 220 35.40 2.89 -24.11
N LEU B 221 34.39 2.12 -24.52
CA LEU B 221 34.21 0.78 -23.97
C LEU B 221 35.34 -0.16 -24.41
N HIS B 222 35.83 0.01 -25.64
CA HIS B 222 36.94 -0.80 -26.11
C HIS B 222 38.22 -0.48 -25.33
N ALA B 223 38.51 0.80 -25.15
CA ALA B 223 39.70 1.19 -24.41
C ALA B 223 39.62 0.77 -22.95
N SER B 224 38.41 0.62 -22.42
CA SER B 224 38.21 0.16 -21.05
C SER B 224 38.29 -1.35 -20.92
N GLY B 225 38.50 -2.08 -22.01
CA GLY B 225 38.62 -3.51 -21.96
C GLY B 225 37.32 -4.27 -22.04
N TYR B 226 36.30 -3.71 -22.69
CA TYR B 226 34.98 -4.32 -22.81
C TYR B 226 34.62 -4.32 -24.30
N ASP B 227 35.06 -5.36 -25.01
CA ASP B 227 34.91 -5.41 -26.46
C ASP B 227 33.48 -5.73 -26.88
N ALA B 228 32.83 -6.69 -26.22
CA ALA B 228 31.50 -7.12 -26.67
C ALA B 228 30.49 -5.98 -26.59
N ALA B 229 30.51 -5.22 -25.50
CA ALA B 229 29.55 -4.13 -25.35
C ALA B 229 29.76 -3.04 -26.38
N ALA B 230 30.99 -2.90 -26.89
CA ALA B 230 31.29 -1.81 -27.82
C ALA B 230 30.60 -2.01 -29.16
N ARG B 231 30.57 -3.26 -29.66
CA ARG B 231 29.99 -3.53 -30.96
C ARG B 231 28.48 -3.71 -30.92
N SER B 232 27.94 -4.27 -29.84
CA SER B 232 26.50 -4.44 -29.70
C SER B 232 25.81 -3.18 -29.19
N LEU B 233 26.55 -2.10 -28.95
CA LEU B 233 25.97 -0.91 -28.31
C LEU B 233 24.90 -0.28 -29.19
N LEU B 234 25.26 0.04 -30.44
CA LEU B 234 24.31 0.73 -31.32
C LEU B 234 23.03 -0.08 -31.50
N GLU B 235 23.14 -1.40 -31.62
CA GLU B 235 21.95 -2.23 -31.72
C GLU B 235 21.20 -2.29 -30.40
N ASP B 236 21.91 -2.26 -29.27
CA ASP B 236 21.26 -2.29 -27.97
C ASP B 236 20.50 -0.99 -27.70
N VAL B 237 21.05 0.14 -28.16
CA VAL B 237 20.39 1.41 -27.94
C VAL B 237 19.07 1.48 -28.70
N ARG B 238 19.05 1.02 -29.95
CA ARG B 238 17.82 1.04 -30.73
C ARG B 238 16.78 0.08 -30.17
N ALA B 239 17.23 -0.99 -29.49
CA ALA B 239 16.28 -1.91 -28.87
C ALA B 239 15.59 -1.25 -27.68
N VAL B 240 16.33 -0.49 -26.88
CA VAL B 240 15.73 0.21 -25.74
C VAL B 240 14.82 1.33 -26.23
N ILE B 241 15.24 2.05 -27.29
CA ILE B 241 14.46 3.17 -27.80
C ILE B 241 13.08 2.70 -28.27
N ASP B 242 13.04 1.56 -28.97
CA ASP B 242 11.76 1.06 -29.47
C ASP B 242 10.92 0.43 -28.36
N ALA B 243 11.56 -0.26 -27.41
CA ALA B 243 10.81 -0.93 -26.35
C ALA B 243 10.18 0.07 -25.38
N THR B 244 10.83 1.21 -25.15
CA THR B 244 10.35 2.23 -24.23
C THR B 244 10.05 3.54 -24.96
N ALA B 245 9.48 3.43 -26.17
CA ALA B 245 9.31 4.60 -27.03
C ALA B 245 8.34 5.61 -26.44
N ALA B 246 7.41 5.18 -25.60
CA ALA B 246 6.39 6.07 -25.06
C ALA B 246 6.76 6.64 -23.69
N ASN B 247 7.93 6.30 -23.16
CA ASN B 247 8.33 6.73 -21.83
C ASN B 247 9.27 7.92 -21.88
N TYR B 248 9.27 8.70 -20.81
CA TYR B 248 10.30 9.71 -20.59
C TYR B 248 11.42 9.11 -19.76
N SER B 249 12.66 9.46 -20.12
CA SER B 249 13.81 8.91 -19.43
C SER B 249 13.86 9.37 -17.98
N SER B 250 14.65 8.66 -17.17
CA SER B 250 14.77 9.03 -15.76
C SER B 250 15.43 10.39 -15.59
N MET B 251 16.33 10.76 -16.51
CA MET B 251 16.94 12.09 -16.44
C MET B 251 15.98 13.17 -16.92
N HIS B 252 15.12 12.86 -17.89
CA HIS B 252 14.09 13.81 -18.29
C HIS B 252 13.13 14.10 -17.14
N GLN B 253 12.79 13.08 -16.36
CA GLN B 253 11.90 13.26 -15.22
C GLN B 253 12.57 14.05 -14.10
N ASP B 254 13.89 13.91 -13.95
CA ASP B 254 14.60 14.67 -12.92
C ASP B 254 14.57 16.16 -13.22
N VAL B 255 14.89 16.54 -14.47
CA VAL B 255 14.87 17.94 -14.85
C VAL B 255 13.45 18.51 -14.78
N THR B 256 12.46 17.71 -15.21
CA THR B 256 11.08 18.15 -15.18
C THR B 256 10.64 18.54 -13.77
N ARG B 257 11.14 17.84 -12.76
CA ARG B 257 10.78 18.09 -11.37
C ARG B 257 11.75 19.03 -10.67
N GLY B 258 12.66 19.66 -11.40
CA GLY B 258 13.62 20.55 -10.80
C GLY B 258 14.57 19.87 -9.83
N ARG B 259 14.88 18.61 -10.07
CA ARG B 259 15.73 17.83 -9.18
C ARG B 259 17.15 17.72 -9.76
N ARG B 260 18.11 17.49 -8.86
CA ARG B 260 19.47 17.26 -9.29
C ARG B 260 19.57 15.96 -10.07
N THR B 261 20.41 15.96 -11.09
CA THR B 261 20.58 14.81 -11.97
C THR B 261 21.93 14.16 -11.71
N GLU B 262 22.04 12.89 -12.06
CA GLU B 262 23.26 12.11 -11.83
C GLU B 262 24.24 12.23 -12.99
N ILE B 263 24.44 13.44 -13.52
CA ILE B 263 25.29 13.62 -14.69
C ILE B 263 26.75 13.37 -14.34
N GLY B 264 27.16 13.72 -13.11
CA GLY B 264 28.54 13.56 -12.73
C GLY B 264 28.99 12.11 -12.65
N TYR B 265 28.05 11.18 -12.65
CA TYR B 265 28.37 9.76 -12.56
C TYR B 265 27.91 9.00 -13.81
N LEU B 266 27.54 9.71 -14.86
CA LEU B 266 27.12 9.08 -16.11
C LEU B 266 27.90 9.67 -17.28
N LEU B 267 27.34 10.69 -17.94
CA LEU B 267 28.03 11.32 -19.05
C LEU B 267 29.27 12.06 -18.59
N GLY B 268 29.21 12.70 -17.41
CA GLY B 268 30.38 13.36 -16.88
C GLY B 268 31.51 12.40 -16.57
N TYR B 269 31.16 11.21 -16.04
CA TYR B 269 32.17 10.20 -15.78
C TYR B 269 32.78 9.68 -17.09
N ALA B 270 31.96 9.58 -18.15
CA ALA B 270 32.46 9.05 -19.42
C ALA B 270 33.49 9.98 -20.04
N CYS B 271 33.18 11.28 -20.10
CA CYS B 271 34.13 12.24 -20.67
C CYS B 271 35.38 12.33 -19.81
N GLN B 272 35.22 12.21 -18.49
CA GLN B 272 36.38 12.26 -17.60
C GLN B 272 37.25 11.02 -17.78
N HIS B 273 36.64 9.85 -17.98
CA HIS B 273 37.43 8.63 -18.16
C HIS B 273 38.15 8.63 -19.50
N GLY B 274 37.55 9.21 -20.54
CA GLY B 274 38.23 9.31 -21.81
C GLY B 274 39.48 10.17 -21.74
N GLN B 275 39.47 11.20 -20.89
CA GLN B 275 40.66 12.02 -20.71
C GLN B 275 41.79 11.23 -20.06
N ARG B 276 41.47 10.38 -19.09
CA ARG B 276 42.51 9.58 -18.43
C ARG B 276 43.22 8.67 -19.41
N LEU B 277 42.49 8.11 -20.36
CA LEU B 277 43.05 7.18 -21.34
C LEU B 277 43.66 7.88 -22.54
N GLY B 278 43.63 9.22 -22.58
CA GLY B 278 44.10 9.92 -23.76
C GLY B 278 43.23 9.74 -24.98
N LEU B 279 41.98 9.29 -24.79
CA LEU B 279 41.09 9.02 -25.91
C LEU B 279 40.24 10.26 -26.17
N PRO B 280 40.38 10.92 -27.32
CA PRO B 280 39.56 12.10 -27.60
C PRO B 280 38.12 11.70 -27.88
N LEU B 281 37.20 12.37 -27.18
CA LEU B 281 35.75 12.14 -27.35
C LEU B 281 35.08 13.49 -27.61
N PRO B 282 35.23 14.03 -28.82
CA PRO B 282 34.70 15.38 -29.07
C PRO B 282 33.19 15.45 -29.06
N ARG B 283 32.50 14.49 -29.68
CA ARG B 283 31.04 14.54 -29.72
C ARG B 283 30.44 14.36 -28.33
N LEU B 284 30.96 13.40 -27.56
CA LEU B 284 30.50 13.23 -26.19
C LEU B 284 30.81 14.45 -25.34
N GLY B 285 31.96 15.09 -25.59
CA GLY B 285 32.31 16.29 -24.85
C GLY B 285 31.44 17.47 -25.20
N THR B 286 31.00 17.56 -26.46
CA THR B 286 30.08 18.63 -26.85
C THR B 286 28.69 18.37 -26.29
N LEU B 287 28.27 17.10 -26.28
CA LEU B 287 27.00 16.75 -25.64
C LEU B 287 27.02 17.08 -24.15
N LEU B 288 28.16 16.84 -23.50
CA LEU B 288 28.28 17.16 -22.08
C LEU B 288 28.20 18.67 -21.84
N ALA B 289 28.76 19.46 -22.76
CA ALA B 289 28.69 20.91 -22.61
C ALA B 289 27.27 21.41 -22.81
N ARG B 290 26.54 20.83 -23.77
CA ARG B 290 25.16 21.23 -24.01
C ARG B 290 24.27 20.89 -22.82
N LEU B 291 24.48 19.69 -22.24
CA LEU B 291 23.63 19.26 -21.13
C LEU B 291 23.93 20.07 -19.87
N GLN B 292 25.20 20.36 -19.61
CA GLN B 292 25.56 21.17 -18.45
C GLN B 292 24.97 22.57 -18.55
N ALA B 293 24.98 23.16 -19.75
CA ALA B 293 24.36 24.46 -19.94
C ALA B 293 22.86 24.38 -19.75
N HIS B 294 22.22 23.32 -20.26
CA HIS B 294 20.78 23.16 -20.10
C HIS B 294 20.39 23.05 -18.63
N LEU B 295 21.26 22.48 -17.80
CA LEU B 295 20.97 22.38 -16.37
C LEU B 295 21.20 23.70 -15.65
N ARG B 296 22.22 24.47 -16.08
CA ARG B 296 22.47 25.76 -15.45
C ARG B 296 21.37 26.77 -15.76
N GLN B 297 20.72 26.64 -16.91
CA GLN B 297 19.65 27.56 -17.28
C GLN B 297 18.46 27.48 -16.34
N ARG B 298 18.34 26.39 -15.56
CA ARG B 298 17.19 26.17 -14.70
C ARG B 298 17.58 26.07 -13.23
N GLY B 299 18.73 26.63 -12.85
CA GLY B 299 19.16 26.57 -11.47
C GLY B 299 19.52 25.20 -10.97
N LEU B 300 19.78 24.25 -11.88
CA LEU B 300 20.14 22.90 -11.52
C LEU B 300 21.65 22.72 -11.60
N PRO B 301 22.23 21.89 -10.73
CA PRO B 301 23.67 21.65 -10.79
C PRO B 301 24.07 20.95 -12.08
N ASP B 302 25.28 21.26 -12.55
CA ASP B 302 25.87 20.57 -13.68
C ASP B 302 26.82 19.46 -13.25
N ARG B 303 26.85 19.12 -11.97
CA ARG B 303 27.71 18.08 -11.43
C ARG B 303 26.90 17.08 -10.61
N MET C 1 -2.90 -16.44 -3.64
CA MET C 1 -3.94 -15.70 -2.94
C MET C 1 -3.43 -15.17 -1.60
N THR C 2 -3.99 -14.04 -1.17
CA THR C 2 -3.61 -13.45 0.11
C THR C 2 -4.23 -14.25 1.25
N TRP C 3 -3.42 -14.55 2.26
CA TRP C 3 -3.89 -15.18 3.49
C TRP C 3 -4.29 -14.08 4.48
N HIS C 4 -5.60 -13.90 4.67
CA HIS C 4 -6.10 -12.92 5.62
C HIS C 4 -6.19 -13.56 6.99
N ILE C 5 -5.51 -12.95 7.97
CA ILE C 5 -5.49 -13.43 9.34
C ILE C 5 -6.37 -12.51 10.17
N LEU C 6 -7.48 -13.05 10.68
CA LEU C 6 -8.40 -12.31 11.51
C LEU C 6 -8.38 -12.88 12.93
N GLY C 7 -8.23 -12.00 13.92
CA GLY C 7 -8.25 -12.43 15.30
C GLY C 7 -6.97 -12.13 16.05
N ALA C 8 -7.07 -11.98 17.37
CA ALA C 8 -5.93 -11.65 18.21
C ALA C 8 -5.26 -12.88 18.82
N GLY C 9 -5.81 -14.08 18.58
CA GLY C 9 -5.28 -15.27 19.21
C GLY C 9 -3.83 -15.53 18.82
N SER C 10 -3.10 -16.16 19.75
CA SER C 10 -1.69 -16.43 19.52
C SER C 10 -1.47 -17.37 18.34
N LEU C 11 -2.44 -18.25 18.07
CA LEU C 11 -2.30 -19.17 16.95
C LEU C 11 -2.30 -18.43 15.62
N GLY C 12 -3.05 -17.34 15.52
CA GLY C 12 -3.07 -16.56 14.30
C GLY C 12 -1.73 -15.92 13.99
N SER C 13 -1.01 -15.48 15.04
CA SER C 13 0.31 -14.92 14.83
C SER C 13 1.33 -15.98 14.45
N LEU C 14 1.22 -17.18 15.03
CA LEU C 14 2.13 -18.26 14.69
C LEU C 14 1.93 -18.71 13.25
N TRP C 15 0.67 -18.82 12.81
CA TRP C 15 0.40 -19.18 11.42
C TRP C 15 0.82 -18.06 10.48
N ALA C 16 0.55 -16.80 10.85
CA ALA C 16 0.88 -15.69 9.96
C ALA C 16 2.38 -15.58 9.74
N ALA C 17 3.18 -15.77 10.80
CA ALA C 17 4.62 -15.68 10.67
C ALA C 17 5.16 -16.77 9.75
N ARG C 18 4.71 -18.02 9.96
CA ARG C 18 5.21 -19.13 9.16
C ARG C 18 4.79 -19.01 7.70
N LEU C 19 3.55 -18.57 7.44
CA LEU C 19 3.11 -18.36 6.07
C LEU C 19 3.89 -17.21 5.41
N GLY C 20 4.08 -16.12 6.15
CA GLY C 20 4.74 -14.96 5.56
C GLY C 20 6.21 -15.20 5.30
N ARG C 21 6.90 -15.90 6.20
CA ARG C 21 8.31 -16.19 5.99
C ARG C 21 8.54 -17.26 4.92
N ALA C 22 7.48 -17.93 4.48
CA ALA C 22 7.57 -18.89 3.39
C ALA C 22 7.30 -18.26 2.03
N GLY C 23 7.20 -16.94 1.96
CA GLY C 23 6.98 -16.23 0.71
C GLY C 23 5.53 -16.07 0.31
N LEU C 24 4.59 -16.36 1.20
CA LEU C 24 3.18 -16.25 0.84
C LEU C 24 2.64 -14.88 1.26
N PRO C 25 1.72 -14.31 0.48
CA PRO C 25 1.15 -13.01 0.86
C PRO C 25 0.23 -13.14 2.08
N VAL C 26 0.49 -12.31 3.08
CA VAL C 26 -0.25 -12.35 4.35
C VAL C 26 -0.75 -10.95 4.65
N ARG C 27 -1.98 -10.86 5.18
CA ARG C 27 -2.58 -9.60 5.58
C ARG C 27 -3.31 -9.79 6.89
N LEU C 28 -2.95 -8.98 7.89
CA LEU C 28 -3.58 -9.05 9.21
C LEU C 28 -4.79 -8.14 9.26
N ILE C 29 -5.90 -8.67 9.77
CA ILE C 29 -7.13 -7.90 9.95
C ILE C 29 -7.29 -7.66 11.45
N LEU C 30 -6.96 -6.46 11.90
CA LEU C 30 -7.07 -6.11 13.30
C LEU C 30 -8.46 -5.55 13.60
N ARG C 31 -8.77 -5.46 14.90
CA ARG C 31 -10.14 -5.18 15.32
C ARG C 31 -10.56 -3.76 14.93
N ASP C 32 -9.71 -2.76 15.20
CA ASP C 32 -10.07 -1.37 14.98
C ASP C 32 -8.81 -0.57 14.71
N ARG C 33 -8.99 0.73 14.44
CA ARG C 33 -7.86 1.59 14.12
C ARG C 33 -6.94 1.81 15.31
N GLN C 34 -7.49 1.75 16.54
CA GLN C 34 -6.64 1.92 17.71
C GLN C 34 -5.71 0.73 17.90
N ARG C 35 -6.23 -0.48 17.73
CA ARG C 35 -5.38 -1.66 17.76
C ARG C 35 -4.40 -1.68 16.58
N LEU C 36 -4.81 -1.12 15.44
CA LEU C 36 -3.91 -1.01 14.30
C LEU C 36 -2.75 -0.07 14.59
N ARG C 37 -3.02 1.01 15.34
CA ARG C 37 -1.95 1.96 15.67
C ARG C 37 -0.92 1.32 16.59
N ARG C 38 -1.39 0.64 17.65
CA ARG C 38 -0.47 0.04 18.60
C ARG C 38 0.32 -1.11 17.98
N TYR C 39 -0.25 -1.78 16.97
CA TYR C 39 0.51 -2.81 16.26
C TYR C 39 1.64 -2.18 15.44
N GLN C 40 1.34 -1.09 14.73
CA GLN C 40 2.37 -0.43 13.93
C GLN C 40 3.42 0.23 14.81
N GLN C 41 3.04 0.66 16.01
CA GLN C 41 4.02 1.24 16.93
C GLN C 41 4.89 0.16 17.56
N ALA C 42 4.35 -1.04 17.76
CA ALA C 42 5.12 -2.14 18.32
C ALA C 42 6.10 -2.74 17.32
N GLY C 43 6.01 -2.37 16.04
CA GLY C 43 6.94 -2.86 15.05
C GLY C 43 6.54 -4.17 14.39
N GLY C 44 5.35 -4.68 14.66
CA GLY C 44 4.89 -5.92 14.08
C GLY C 44 4.72 -7.02 15.12
N LEU C 45 4.75 -8.25 14.63
CA LEU C 45 4.60 -9.42 15.49
C LEU C 45 5.96 -9.92 15.96
N SER C 46 6.08 -10.19 17.25
CA SER C 46 7.29 -10.74 17.85
C SER C 46 7.05 -12.22 18.13
N LEU C 47 7.76 -13.09 17.42
CA LEU C 47 7.64 -14.54 17.57
C LEU C 47 8.92 -15.08 18.19
N VAL C 48 8.77 -15.87 19.25
CA VAL C 48 9.90 -16.43 19.98
C VAL C 48 9.91 -17.93 19.77
N GLU C 49 10.86 -18.42 18.98
CA GLU C 49 11.10 -19.84 18.80
C GLU C 49 12.49 -20.17 19.30
N ASP C 50 12.63 -21.33 19.95
CA ASP C 50 13.91 -21.77 20.52
C ASP C 50 14.51 -20.74 21.46
N GLY C 51 13.65 -19.99 22.15
CA GLY C 51 14.11 -18.93 23.02
C GLY C 51 14.67 -17.72 22.32
N GLN C 52 14.55 -17.65 20.99
CA GLN C 52 15.05 -16.54 20.20
C GLN C 52 13.88 -15.85 19.52
N ALA C 53 13.84 -14.52 19.61
CA ALA C 53 12.75 -13.73 19.07
C ALA C 53 13.06 -13.26 17.65
N SER C 54 12.03 -13.20 16.82
CA SER C 54 12.12 -12.69 15.46
C SER C 54 10.96 -11.77 15.19
N LEU C 55 11.23 -10.65 14.53
CA LEU C 55 10.23 -9.64 14.25
C LEU C 55 9.63 -9.84 12.87
N TYR C 56 8.30 -9.70 12.79
CA TYR C 56 7.56 -9.85 11.54
C TYR C 56 6.66 -8.64 11.35
N PRO C 57 7.13 -7.62 10.64
CA PRO C 57 6.28 -6.44 10.35
C PRO C 57 5.31 -6.72 9.21
N ILE C 58 4.36 -7.63 9.47
CA ILE C 58 3.39 -8.03 8.46
C ILE C 58 2.39 -6.90 8.26
N ALA C 59 2.00 -6.66 7.01
CA ALA C 59 1.02 -5.63 6.70
C ALA C 59 -0.31 -5.95 7.37
N ALA C 60 -0.91 -4.93 7.99
CA ALA C 60 -2.15 -5.10 8.73
C ALA C 60 -3.18 -4.09 8.24
N GLU C 61 -4.44 -4.35 8.56
CA GLU C 61 -5.55 -3.50 8.16
C GLU C 61 -6.71 -3.69 9.14
N THR C 62 -7.80 -2.99 8.87
CA THR C 62 -9.04 -3.08 9.62
C THR C 62 -10.12 -3.73 8.77
N PRO C 63 -11.21 -4.23 9.39
CA PRO C 63 -12.19 -5.00 8.62
C PRO C 63 -12.95 -4.19 7.57
N ASP C 64 -12.96 -2.86 7.66
CA ASP C 64 -13.80 -2.08 6.76
C ASP C 64 -13.14 -1.89 5.40
N GLY C 65 -11.84 -1.65 5.36
CA GLY C 65 -11.11 -1.38 4.12
C GLY C 65 -10.22 -2.56 3.76
N GLY C 66 -10.19 -2.88 2.47
CA GLY C 66 -9.34 -3.95 1.98
C GLY C 66 -9.97 -4.62 0.77
N GLN C 67 -9.23 -5.57 0.22
CA GLN C 67 -9.66 -6.33 -0.94
C GLN C 67 -10.63 -7.43 -0.53
N PRO C 68 -11.37 -7.99 -1.48
CA PRO C 68 -12.23 -9.14 -1.17
C PRO C 68 -11.41 -10.30 -0.64
N ILE C 69 -11.96 -10.97 0.37
CA ILE C 69 -11.24 -12.03 1.09
C ILE C 69 -11.56 -13.37 0.44
N GLN C 70 -10.51 -14.11 0.07
CA GLN C 70 -10.63 -15.45 -0.47
C GLN C 70 -10.14 -16.53 0.49
N ARG C 71 -9.08 -16.26 1.24
CA ARG C 71 -8.52 -17.18 2.22
C ARG C 71 -8.48 -16.49 3.57
N LEU C 72 -9.29 -16.96 4.50
CA LEU C 72 -9.40 -16.35 5.83
C LEU C 72 -9.06 -17.37 6.89
N LEU C 73 -8.11 -17.02 7.76
CA LEU C 73 -7.79 -17.79 8.94
C LEU C 73 -8.32 -17.05 10.16
N LEU C 74 -9.25 -17.68 10.89
CA LEU C 74 -9.89 -17.08 12.04
C LEU C 74 -9.34 -17.72 13.30
N ALA C 75 -8.64 -16.92 14.11
CA ALA C 75 -8.01 -17.39 15.35
C ALA C 75 -8.33 -16.39 16.46
N CYS C 76 -9.41 -16.65 17.20
CA CYS C 76 -9.82 -15.79 18.29
C CYS C 76 -10.57 -16.63 19.31
N LYS C 77 -10.99 -15.99 20.40
CA LYS C 77 -11.82 -16.66 21.38
C LYS C 77 -13.16 -17.02 20.76
N ALA C 78 -13.80 -18.07 21.31
CA ALA C 78 -15.06 -18.55 20.76
C ALA C 78 -16.17 -17.51 20.87
N TYR C 79 -16.15 -16.69 21.91
CA TYR C 79 -17.21 -15.69 22.09
C TYR C 79 -17.07 -14.51 21.14
N ASP C 80 -15.91 -14.33 20.52
CA ASP C 80 -15.72 -13.30 19.52
C ASP C 80 -15.82 -13.83 18.09
N ALA C 81 -16.00 -15.14 17.93
CA ALA C 81 -15.94 -15.75 16.59
C ALA C 81 -17.04 -15.22 15.69
N GLU C 82 -18.30 -15.33 16.12
CA GLU C 82 -19.41 -14.85 15.31
C GLU C 82 -19.35 -13.34 15.10
N GLU C 83 -18.72 -12.60 16.01
CA GLU C 83 -18.55 -11.17 15.86
C GLU C 83 -17.34 -10.80 15.01
N ALA C 84 -16.27 -11.61 15.05
CA ALA C 84 -15.15 -11.39 14.14
C ALA C 84 -15.60 -11.59 12.70
N ALA C 85 -16.23 -12.72 12.41
CA ALA C 85 -17.01 -12.83 11.19
C ALA C 85 -18.16 -11.83 11.24
N SER C 86 -18.79 -11.62 10.08
CA SER C 86 -19.82 -10.60 9.88
C SER C 86 -19.19 -9.20 9.84
N SER C 87 -18.13 -8.98 10.61
CA SER C 87 -17.36 -7.75 10.44
C SER C 87 -16.59 -7.74 9.14
N VAL C 88 -16.36 -8.89 8.53
CA VAL C 88 -15.75 -9.02 7.22
C VAL C 88 -16.69 -9.72 6.23
N ALA C 89 -17.98 -9.77 6.56
CA ALA C 89 -18.94 -10.46 5.69
C ALA C 89 -19.09 -9.77 4.35
N HIS C 90 -19.05 -8.43 4.35
CA HIS C 90 -19.19 -7.69 3.11
C HIS C 90 -18.01 -7.90 2.17
N ARG C 91 -16.87 -8.34 2.68
CA ARG C 91 -15.66 -8.51 1.88
C ARG C 91 -15.43 -9.95 1.44
N LEU C 92 -16.30 -10.88 1.82
CA LEU C 92 -16.09 -12.28 1.46
C LEU C 92 -16.31 -12.48 -0.03
N ALA C 93 -15.30 -13.01 -0.71
CA ALA C 93 -15.43 -13.31 -2.13
C ALA C 93 -16.34 -14.54 -2.32
N GLY C 94 -16.58 -14.88 -3.59
CA GLY C 94 -17.42 -16.02 -3.88
C GLY C 94 -16.79 -17.33 -3.46
N ASN C 95 -15.51 -17.51 -3.79
CA ASN C 95 -14.76 -18.71 -3.46
C ASN C 95 -14.08 -18.63 -2.10
N ALA C 96 -14.68 -17.95 -1.13
CA ALA C 96 -14.04 -17.77 0.17
C ALA C 96 -14.02 -19.07 0.94
N GLU C 97 -12.84 -19.44 1.44
CA GLU C 97 -12.66 -20.60 2.30
C GLU C 97 -12.09 -20.14 3.63
N LEU C 98 -12.65 -20.64 4.73
CA LEU C 98 -12.29 -20.23 6.07
C LEU C 98 -11.72 -21.39 6.85
N LEU C 99 -10.76 -21.09 7.72
CA LEU C 99 -10.15 -22.08 8.62
C LEU C 99 -10.37 -21.61 10.05
N LEU C 100 -11.28 -22.27 10.76
CA LEU C 100 -11.69 -21.84 12.09
C LEU C 100 -10.85 -22.54 13.14
N LEU C 101 -10.05 -21.76 13.88
CA LEU C 101 -9.17 -22.29 14.91
C LEU C 101 -9.74 -22.16 16.31
N GLN C 102 -11.06 -21.96 16.43
CA GLN C 102 -11.66 -21.78 17.75
C GLN C 102 -11.72 -23.09 18.52
N ASN C 103 -11.69 -22.98 19.84
CA ASN C 103 -11.91 -24.14 20.69
C ASN C 103 -13.41 -24.35 20.91
N GLY C 104 -13.76 -25.57 21.32
CA GLY C 104 -15.14 -25.90 21.56
C GLY C 104 -15.95 -26.00 20.28
N LEU C 105 -17.26 -26.06 20.47
CA LEU C 105 -18.23 -26.15 19.37
C LEU C 105 -19.26 -25.05 19.53
N GLY C 106 -20.19 -24.98 18.58
CA GLY C 106 -21.21 -23.95 18.53
C GLY C 106 -20.78 -22.70 17.80
N SER C 107 -19.56 -22.23 18.07
CA SER C 107 -19.07 -21.04 17.37
C SER C 107 -18.80 -21.35 15.91
N GLN C 108 -18.31 -22.56 15.61
CA GLN C 108 -18.07 -22.93 14.21
C GLN C 108 -19.37 -22.97 13.42
N GLN C 109 -20.40 -23.61 13.99
CA GLN C 109 -21.70 -23.68 13.31
C GLN C 109 -22.32 -22.30 13.14
N ALA C 110 -22.08 -21.39 14.09
CA ALA C 110 -22.58 -20.02 13.94
C ALA C 110 -21.88 -19.30 12.81
N VAL C 111 -20.55 -19.45 12.71
CA VAL C 111 -19.82 -18.84 11.60
C VAL C 111 -20.23 -19.49 10.28
N ALA C 112 -20.39 -20.81 10.26
CA ALA C 112 -20.81 -21.50 9.04
C ALA C 112 -22.21 -21.06 8.63
N ALA C 113 -23.07 -20.78 9.61
CA ALA C 113 -24.42 -20.33 9.29
C ALA C 113 -24.41 -18.86 8.86
N ARG C 114 -23.66 -18.01 9.56
CA ARG C 114 -23.59 -16.60 9.22
C ARG C 114 -23.02 -16.38 7.83
N LEU C 115 -22.12 -17.27 7.38
CA LEU C 115 -21.48 -17.17 6.08
C LEU C 115 -21.85 -18.43 5.29
N PRO C 116 -23.00 -18.43 4.62
CA PRO C 116 -23.47 -19.67 3.97
C PRO C 116 -22.69 -20.06 2.74
N ARG C 117 -22.47 -19.10 1.83
CA ARG C 117 -21.80 -19.38 0.56
C ARG C 117 -20.29 -19.51 0.71
N SER C 118 -19.77 -19.56 1.93
CA SER C 118 -18.35 -19.75 2.19
C SER C 118 -18.10 -21.15 2.73
N ARG C 119 -16.92 -21.69 2.45
CA ARG C 119 -16.54 -23.02 2.91
C ARG C 119 -15.80 -22.88 4.24
N CYS C 120 -16.47 -23.24 5.33
CA CYS C 120 -15.87 -23.16 6.66
C CYS C 120 -15.30 -24.53 7.01
N LEU C 121 -13.97 -24.62 7.07
CA LEU C 121 -13.29 -25.82 7.49
C LEU C 121 -12.95 -25.71 8.98
N PHE C 122 -13.15 -26.80 9.70
CA PHE C 122 -12.93 -26.81 11.14
C PHE C 122 -11.52 -27.33 11.44
N ALA C 123 -10.96 -26.84 12.54
CA ALA C 123 -9.59 -27.17 12.91
C ALA C 123 -9.50 -27.46 14.39
N SER C 124 -8.58 -28.36 14.75
CA SER C 124 -8.24 -28.67 16.13
C SER C 124 -6.72 -28.64 16.25
N SER C 125 -6.20 -27.75 17.09
CA SER C 125 -4.77 -27.51 17.19
C SER C 125 -4.26 -27.86 18.57
N THR C 126 -3.11 -28.53 18.62
CA THR C 126 -2.39 -28.80 19.86
C THR C 126 -1.07 -28.04 19.92
N GLU C 127 -0.84 -27.11 19.01
CA GLU C 127 0.38 -26.31 19.04
C GLU C 127 0.37 -25.38 20.24
N GLY C 128 1.47 -25.38 21.00
CA GLY C 128 1.55 -24.56 22.19
C GLY C 128 2.08 -23.17 21.92
N ALA C 129 1.18 -22.19 21.84
CA ALA C 129 1.56 -20.80 21.62
C ALA C 129 0.76 -19.92 22.57
N PHE C 130 1.46 -19.14 23.39
CA PHE C 130 0.81 -18.28 24.37
C PHE C 130 1.34 -16.86 24.24
N ARG C 131 0.52 -15.91 24.72
CA ARG C 131 0.86 -14.50 24.62
C ARG C 131 1.82 -14.10 25.74
N ASP C 132 2.92 -13.45 25.36
CA ASP C 132 3.83 -12.86 26.33
C ASP C 132 3.85 -11.35 26.13
N GLY C 133 2.71 -10.71 26.36
CA GLY C 133 2.51 -9.32 26.03
C GLY C 133 1.81 -9.15 24.69
N ASP C 134 1.41 -7.91 24.42
CA ASP C 134 0.72 -7.61 23.18
C ASP C 134 1.68 -7.75 22.00
N PHE C 135 1.23 -8.46 20.96
CA PHE C 135 1.99 -8.66 19.73
C PHE C 135 3.28 -9.44 19.97
N ARG C 136 3.30 -10.30 20.98
CA ARG C 136 4.43 -11.19 21.24
C ARG C 136 3.89 -12.53 21.70
N VAL C 137 4.22 -13.59 20.97
CA VAL C 137 3.82 -14.94 21.33
C VAL C 137 5.04 -15.83 21.36
N VAL C 138 5.01 -16.84 22.23
CA VAL C 138 6.09 -17.78 22.41
C VAL C 138 5.62 -19.15 21.94
N PHE C 139 6.41 -19.79 21.08
CA PHE C 139 6.07 -21.09 20.52
C PHE C 139 7.12 -22.10 20.94
N ALA C 140 6.68 -23.13 21.68
CA ALA C 140 7.61 -24.15 22.15
C ALA C 140 8.10 -25.06 21.04
N GLY C 141 7.38 -25.12 19.91
CA GLY C 141 7.80 -25.92 18.78
C GLY C 141 7.15 -27.26 18.64
N ARG C 142 6.07 -27.53 19.35
CA ARG C 142 5.40 -28.83 19.32
C ARG C 142 3.91 -28.65 19.10
N GLY C 143 3.27 -29.74 18.70
CA GLY C 143 1.85 -29.75 18.42
C GLY C 143 1.55 -30.22 17.01
N HIS C 144 0.26 -30.37 16.74
CA HIS C 144 -0.22 -30.81 15.45
C HIS C 144 -1.54 -30.10 15.15
N THR C 145 -2.02 -30.26 13.93
CA THR C 145 -3.24 -29.61 13.50
C THR C 145 -4.08 -30.57 12.67
N TRP C 146 -5.36 -30.69 13.01
CA TRP C 146 -6.31 -31.50 12.27
C TRP C 146 -7.29 -30.58 11.56
N LEU C 147 -7.45 -30.77 10.25
CA LEU C 147 -8.40 -30.01 9.44
C LEU C 147 -9.46 -30.94 8.89
N GLY C 148 -10.59 -30.37 8.52
CA GLY C 148 -11.66 -31.15 7.93
C GLY C 148 -12.88 -30.30 7.67
N ASP C 149 -13.77 -30.85 6.85
CA ASP C 149 -15.05 -30.23 6.54
C ASP C 149 -16.13 -31.29 6.55
N PRO C 150 -17.08 -31.22 7.49
CA PRO C 150 -18.12 -32.27 7.56
C PRO C 150 -19.04 -32.30 6.36
N ARG C 151 -19.08 -31.24 5.54
CA ARG C 151 -19.92 -31.22 4.37
C ARG C 151 -19.19 -31.65 3.10
N ASP C 152 -17.89 -31.39 3.02
CA ASP C 152 -17.08 -31.72 1.85
C ASP C 152 -15.82 -32.42 2.31
N THR C 153 -15.62 -33.66 1.87
CA THR C 153 -14.54 -34.49 2.39
C THR C 153 -13.26 -34.42 1.57
N ASN C 154 -13.27 -33.78 0.40
CA ASN C 154 -12.05 -33.64 -0.38
C ASN C 154 -11.20 -32.51 0.17
N ALA C 155 -9.91 -32.77 0.32
CA ALA C 155 -9.01 -31.78 0.89
C ALA C 155 -8.77 -30.65 -0.12
N PRO C 156 -8.64 -29.41 0.35
CA PRO C 156 -8.37 -28.31 -0.58
C PRO C 156 -6.95 -28.37 -1.12
N ALA C 157 -6.76 -27.69 -2.24
CA ALA C 157 -5.45 -27.70 -2.90
C ALA C 157 -4.42 -26.89 -2.11
N TRP C 158 -4.86 -25.91 -1.34
CA TRP C 158 -3.93 -25.03 -0.64
C TRP C 158 -3.33 -25.68 0.61
N LEU C 159 -3.59 -26.97 0.86
CA LEU C 159 -2.86 -27.66 1.91
C LEU C 159 -1.37 -27.74 1.62
N THR C 160 -0.98 -27.57 0.35
CA THR C 160 0.44 -27.54 0.01
C THR C 160 1.13 -26.34 0.61
N GLN C 161 0.45 -25.19 0.66
CA GLN C 161 1.04 -24.01 1.28
C GLN C 161 1.27 -24.21 2.77
N LEU C 162 0.47 -25.07 3.41
CA LEU C 162 0.75 -25.44 4.79
C LEU C 162 2.04 -26.24 4.88
N SER C 163 2.20 -27.25 4.00
CA SER C 163 3.44 -27.99 3.94
C SER C 163 4.60 -27.09 3.55
N GLN C 164 4.37 -26.16 2.63
CA GLN C 164 5.42 -25.23 2.21
C GLN C 164 5.86 -24.34 3.36
N ALA C 165 4.92 -23.93 4.21
CA ALA C 165 5.24 -23.12 5.38
C ALA C 165 5.71 -23.94 6.56
N GLY C 166 5.84 -25.25 6.41
CA GLY C 166 6.32 -26.08 7.50
C GLY C 166 5.34 -26.26 8.64
N ILE C 167 4.04 -26.24 8.33
CA ILE C 167 3.01 -26.42 9.35
C ILE C 167 2.52 -27.86 9.33
N PRO C 168 2.91 -28.70 10.27
CA PRO C 168 2.44 -30.09 10.26
C PRO C 168 0.94 -30.16 10.47
N HIS C 169 0.28 -31.01 9.69
CA HIS C 169 -1.16 -31.07 9.70
C HIS C 169 -1.64 -32.41 9.18
N SER C 170 -2.91 -32.72 9.46
CA SER C 170 -3.55 -33.93 8.98
C SER C 170 -4.96 -33.58 8.53
N TRP C 171 -5.38 -34.15 7.40
CA TRP C 171 -6.74 -33.99 6.91
C TRP C 171 -7.59 -35.12 7.51
N SER C 172 -8.59 -34.74 8.29
CA SER C 172 -9.45 -35.70 8.98
C SER C 172 -10.80 -35.78 8.28
N ASP C 173 -11.29 -37.02 8.11
CA ASP C 173 -12.60 -37.25 7.52
C ASP C 173 -13.73 -37.18 8.54
N ASP C 174 -13.42 -37.15 9.83
CA ASP C 174 -14.42 -36.98 10.89
C ASP C 174 -13.89 -35.95 11.88
N ILE C 175 -13.76 -34.71 11.41
CA ILE C 175 -13.29 -33.63 12.27
C ILE C 175 -14.30 -33.34 13.37
N LEU C 176 -15.57 -33.65 13.15
CA LEU C 176 -16.58 -33.39 14.16
C LEU C 176 -16.45 -34.32 15.35
N GLU C 177 -15.96 -35.54 15.13
CA GLU C 177 -15.70 -36.44 16.26
C GLU C 177 -14.52 -35.96 17.09
N ARG C 178 -13.45 -35.49 16.42
CA ARG C 178 -12.29 -34.98 17.14
C ARG C 178 -12.67 -33.78 17.99
N LEU C 179 -13.47 -32.86 17.43
CA LEU C 179 -13.89 -31.68 18.19
C LEU C 179 -14.79 -32.07 19.36
N TRP C 180 -15.54 -33.16 19.24
CA TRP C 180 -16.36 -33.62 20.35
C TRP C 180 -15.51 -34.30 21.42
N ARG C 181 -14.49 -35.05 21.01
CA ARG C 181 -13.56 -35.63 21.98
C ARG C 181 -12.87 -34.54 22.78
N LYS C 182 -12.47 -33.45 22.11
CA LYS C 182 -11.82 -32.34 22.80
C LYS C 182 -12.81 -31.61 23.69
N LEU C 183 -14.04 -31.41 23.22
CA LEU C 183 -15.06 -30.76 24.03
C LEU C 183 -15.31 -31.52 25.33
N ALA C 184 -15.48 -32.85 25.23
CA ALA C 184 -15.67 -33.65 26.43
C ALA C 184 -14.45 -33.63 27.33
N LEU C 185 -13.25 -33.58 26.73
CA LEU C 185 -12.03 -33.55 27.54
C LEU C 185 -11.92 -32.23 28.31
N ASN C 186 -12.15 -31.11 27.63
CA ASN C 186 -12.08 -29.81 28.29
C ASN C 186 -13.21 -29.60 29.29
N CYS C 187 -14.34 -30.28 29.10
CA CYS C 187 -15.44 -30.17 30.07
C CYS C 187 -15.10 -30.89 31.37
N ALA C 188 -14.27 -31.93 31.31
CA ALA C 188 -13.94 -32.70 32.50
C ALA C 188 -12.81 -32.09 33.31
N ILE C 189 -11.98 -31.25 32.69
CA ILE C 189 -10.76 -30.74 33.31
C ILE C 189 -10.87 -29.25 33.65
N ASN C 190 -11.14 -28.42 32.64
CA ASN C 190 -11.04 -26.97 32.83
C ASN C 190 -11.97 -26.41 33.88
N PRO C 191 -13.27 -26.74 33.91
CA PRO C 191 -14.13 -26.18 34.97
C PRO C 191 -13.65 -26.49 36.37
N LEU C 192 -13.15 -27.71 36.62
CA LEU C 192 -12.72 -28.08 37.96
C LEU C 192 -11.40 -27.39 38.34
N THR C 193 -10.54 -27.10 37.36
CA THR C 193 -9.30 -26.39 37.66
C THR C 193 -9.58 -24.97 38.15
N VAL C 194 -10.66 -24.36 37.68
CA VAL C 194 -11.05 -23.04 38.17
C VAL C 194 -11.66 -23.15 39.56
N LEU C 195 -12.54 -24.13 39.76
CA LEU C 195 -13.23 -24.27 41.05
C LEU C 195 -12.27 -24.69 42.15
N HIS C 196 -11.23 -25.46 41.83
CA HIS C 196 -10.25 -25.88 42.81
C HIS C 196 -8.97 -25.04 42.79
N ASP C 197 -8.85 -24.11 41.84
CA ASP C 197 -7.73 -23.17 41.79
C ASP C 197 -6.39 -23.89 41.76
N CYS C 198 -6.29 -24.89 40.90
CA CYS C 198 -5.10 -25.74 40.84
C CYS C 198 -4.72 -26.00 39.40
N ARG C 199 -3.46 -26.41 39.22
CA ARG C 199 -3.03 -26.93 37.94
C ARG C 199 -3.72 -28.26 37.65
N ASN C 200 -3.66 -28.69 36.39
CA ASN C 200 -4.39 -29.88 35.97
C ASN C 200 -4.04 -31.09 36.82
N GLY C 201 -2.79 -31.19 37.27
CA GLY C 201 -2.40 -32.28 38.15
C GLY C 201 -3.12 -32.25 39.49
N GLY C 202 -3.60 -31.09 39.91
CA GLY C 202 -4.34 -30.98 41.15
C GLY C 202 -5.66 -31.73 41.17
N LEU C 203 -6.16 -32.14 40.01
CA LEU C 203 -7.41 -32.88 39.95
C LEU C 203 -7.28 -34.31 40.45
N ARG C 204 -6.06 -34.78 40.73
CA ARG C 204 -5.88 -36.11 41.29
C ARG C 204 -6.46 -36.22 42.70
N GLN C 205 -6.67 -35.09 43.38
CA GLN C 205 -7.25 -35.12 44.72
C GLN C 205 -8.72 -35.51 44.70
N HIS C 206 -9.40 -35.40 43.56
CA HIS C 206 -10.84 -35.63 43.45
C HIS C 206 -11.11 -36.62 42.32
N PRO C 207 -10.87 -37.91 42.54
CA PRO C 207 -11.18 -38.90 41.50
C PRO C 207 -12.67 -39.18 41.37
N GLU C 208 -13.41 -38.98 42.46
CA GLU C 208 -14.86 -39.20 42.42
C GLU C 208 -15.55 -38.16 41.55
N GLU C 209 -15.12 -36.89 41.64
CA GLU C 209 -15.68 -35.85 40.79
C GLU C 209 -15.39 -36.11 39.32
N ILE C 210 -14.18 -36.57 39.01
CA ILE C 210 -13.80 -36.81 37.62
C ILE C 210 -14.64 -37.95 37.03
N ALA C 211 -14.72 -39.07 37.75
CA ALA C 211 -15.45 -40.23 37.23
C ALA C 211 -16.93 -39.92 37.04
N ALA C 212 -17.51 -39.13 37.96
CA ALA C 212 -18.92 -38.79 37.85
C ALA C 212 -19.19 -37.89 36.64
N LEU C 213 -18.25 -37.01 36.29
CA LEU C 213 -18.44 -36.13 35.14
C LEU C 213 -18.25 -36.87 33.83
N CYS C 214 -17.23 -37.74 33.74
CA CYS C 214 -17.02 -38.51 32.52
C CYS C 214 -18.18 -39.46 32.27
N ASP C 215 -18.85 -39.92 33.33
CA ASP C 215 -20.02 -40.77 33.16
C ASP C 215 -21.14 -40.02 32.47
N GLU C 216 -21.48 -38.82 32.97
CA GLU C 216 -22.53 -38.02 32.35
C GLU C 216 -22.08 -37.47 31.00
N LEU C 217 -20.77 -37.32 30.80
CA LEU C 217 -20.26 -36.90 29.50
C LEU C 217 -20.19 -38.07 28.52
N GLY C 218 -19.99 -39.29 29.02
CA GLY C 218 -20.04 -40.44 28.14
C GLY C 218 -21.41 -40.66 27.53
N GLN C 219 -22.45 -40.36 28.31
CA GLN C 219 -23.81 -40.41 27.76
C GLN C 219 -23.99 -39.41 26.63
N LEU C 220 -23.41 -38.22 26.80
CA LEU C 220 -23.54 -37.19 25.77
C LEU C 220 -22.82 -37.58 24.48
N LEU C 221 -21.63 -38.18 24.61
CA LEU C 221 -20.92 -38.67 23.43
C LEU C 221 -21.64 -39.85 22.81
N HIS C 222 -22.24 -40.70 23.64
CA HIS C 222 -22.97 -41.85 23.13
C HIS C 222 -24.23 -41.42 22.38
N ALA C 223 -24.99 -40.50 22.96
CA ALA C 223 -26.20 -39.99 22.32
C ALA C 223 -25.90 -39.13 21.09
N SER C 224 -24.65 -38.71 20.91
CA SER C 224 -24.26 -37.92 19.75
C SER C 224 -23.69 -38.76 18.62
N GLY C 225 -23.44 -40.05 18.85
CA GLY C 225 -22.99 -40.95 17.81
C GLY C 225 -21.54 -41.36 17.88
N TYR C 226 -20.82 -41.01 18.94
CA TYR C 226 -19.40 -41.32 19.09
C TYR C 226 -19.24 -42.29 20.25
N ASP C 227 -19.50 -43.57 19.98
CA ASP C 227 -19.51 -44.58 21.03
C ASP C 227 -18.11 -44.94 21.51
N ALA C 228 -17.15 -45.05 20.59
CA ALA C 228 -15.79 -45.39 20.98
C ALA C 228 -15.18 -44.30 21.86
N ALA C 229 -15.45 -43.03 21.54
CA ALA C 229 -14.94 -41.93 22.35
C ALA C 229 -15.51 -41.95 23.75
N ALA C 230 -16.74 -42.44 23.91
CA ALA C 230 -17.36 -42.47 25.23
C ALA C 230 -16.74 -43.54 26.13
N ARG C 231 -16.37 -44.68 25.54
CA ARG C 231 -15.80 -45.76 26.33
C ARG C 231 -14.40 -45.42 26.84
N SER C 232 -13.65 -44.64 26.08
CA SER C 232 -12.26 -44.30 26.43
C SER C 232 -12.15 -42.93 27.07
N LEU C 233 -13.26 -42.25 27.34
CA LEU C 233 -13.19 -40.88 27.86
C LEU C 233 -12.52 -40.84 29.22
N LEU C 234 -12.97 -41.68 30.15
CA LEU C 234 -12.42 -41.67 31.50
C LEU C 234 -10.92 -41.96 31.48
N GLU C 235 -10.48 -42.89 30.63
CA GLU C 235 -9.05 -43.16 30.51
C GLU C 235 -8.31 -42.01 29.85
N ASP C 236 -8.93 -41.39 28.83
CA ASP C 236 -8.28 -40.29 28.15
C ASP C 236 -8.17 -39.05 29.04
N VAL C 237 -9.16 -38.83 29.90
CA VAL C 237 -9.09 -37.67 30.80
C VAL C 237 -7.98 -37.85 31.82
N ARG C 238 -7.92 -39.02 32.47
CA ARG C 238 -6.87 -39.27 33.46
C ARG C 238 -5.49 -39.22 32.82
N ALA C 239 -5.38 -39.68 31.57
CA ALA C 239 -4.10 -39.61 30.86
C ALA C 239 -3.72 -38.17 30.54
N VAL C 240 -4.71 -37.30 30.31
CA VAL C 240 -4.42 -35.90 30.05
C VAL C 240 -4.17 -35.13 31.35
N ILE C 241 -4.73 -35.60 32.47
CA ILE C 241 -4.38 -35.04 33.76
C ILE C 241 -2.87 -35.14 33.97
N ASP C 242 -2.31 -36.33 33.76
CA ASP C 242 -0.87 -36.46 33.65
C ASP C 242 -0.39 -35.85 32.33
N ALA C 243 0.92 -35.61 32.25
CA ALA C 243 1.56 -34.99 31.09
C ALA C 243 1.19 -33.52 30.96
N THR C 244 0.13 -33.08 31.64
CA THR C 244 -0.20 -31.67 31.79
C THR C 244 -0.36 -31.29 33.25
N ALA C 245 0.23 -32.07 34.15
CA ALA C 245 0.02 -31.86 35.58
C ALA C 245 0.55 -30.51 36.04
N ALA C 246 1.67 -30.07 35.49
CA ALA C 246 2.30 -28.82 35.88
C ALA C 246 1.79 -27.62 35.07
N ASN C 247 0.67 -27.78 34.37
CA ASN C 247 0.13 -26.71 33.53
C ASN C 247 -1.18 -26.19 34.10
N TYR C 248 -1.42 -24.90 33.89
CA TYR C 248 -2.70 -24.28 34.18
C TYR C 248 -3.58 -24.36 32.93
N SER C 249 -4.83 -24.74 33.10
CA SER C 249 -5.74 -24.81 31.98
C SER C 249 -5.95 -23.43 31.37
N SER C 250 -6.44 -23.42 30.12
CA SER C 250 -6.71 -22.16 29.46
C SER C 250 -7.79 -21.38 30.20
N MET C 251 -8.80 -22.08 30.74
CA MET C 251 -9.85 -21.41 31.49
C MET C 251 -9.31 -20.81 32.78
N HIS C 252 -8.39 -21.52 33.46
CA HIS C 252 -7.79 -20.99 34.67
C HIS C 252 -6.99 -19.73 34.39
N GLN C 253 -6.31 -19.68 33.24
CA GLN C 253 -5.52 -18.51 32.90
C GLN C 253 -6.41 -17.31 32.55
N ASP C 254 -7.60 -17.57 31.99
CA ASP C 254 -8.53 -16.47 31.73
C ASP C 254 -9.03 -15.86 33.02
N VAL C 255 -9.38 -16.70 34.00
CA VAL C 255 -9.94 -16.21 35.25
C VAL C 255 -8.91 -15.39 36.02
N THR C 256 -7.68 -15.88 36.11
CA THR C 256 -6.65 -15.17 36.86
C THR C 256 -6.20 -13.90 36.15
N ARG C 257 -6.42 -13.78 34.85
CA ARG C 257 -6.13 -12.55 34.12
C ARG C 257 -7.32 -11.62 34.03
N GLY C 258 -8.41 -11.92 34.75
CA GLY C 258 -9.58 -11.07 34.73
C GLY C 258 -10.25 -10.96 33.39
N ARG C 259 -10.14 -11.99 32.55
CA ARG C 259 -10.71 -11.99 31.21
C ARG C 259 -11.90 -12.93 31.13
N ARG C 260 -12.65 -12.78 30.05
CA ARG C 260 -13.82 -13.63 29.83
C ARG C 260 -13.39 -15.03 29.42
N THR C 261 -14.11 -16.03 29.93
CA THR C 261 -13.80 -17.42 29.61
C THR C 261 -14.63 -17.88 28.41
N GLU C 262 -14.35 -19.11 27.97
CA GLU C 262 -15.12 -19.75 26.89
C GLU C 262 -16.11 -20.76 27.45
N ILE C 263 -16.79 -20.40 28.54
CA ILE C 263 -17.71 -21.32 29.20
C ILE C 263 -18.95 -21.55 28.35
N GLY C 264 -19.38 -20.56 27.57
CA GLY C 264 -20.58 -20.71 26.78
C GLY C 264 -20.47 -21.74 25.67
N TYR C 265 -19.30 -21.86 25.07
CA TYR C 265 -19.06 -22.77 23.95
C TYR C 265 -18.37 -24.06 24.39
N LEU C 266 -18.33 -24.32 25.70
CA LEU C 266 -17.73 -25.54 26.21
C LEU C 266 -18.73 -26.29 27.08
N LEU C 267 -18.73 -25.99 28.38
CA LEU C 267 -19.65 -26.65 29.29
C LEU C 267 -21.09 -26.20 29.05
N GLY C 268 -21.29 -24.93 28.69
CA GLY C 268 -22.63 -24.46 28.40
C GLY C 268 -23.20 -25.07 27.12
N TYR C 269 -22.39 -25.14 26.07
CA TYR C 269 -22.84 -25.76 24.83
C TYR C 269 -23.15 -27.24 25.04
N ALA C 270 -22.35 -27.93 25.85
CA ALA C 270 -22.58 -29.35 26.09
C ALA C 270 -23.90 -29.58 26.82
N CYS C 271 -24.24 -28.70 27.76
CA CYS C 271 -25.51 -28.84 28.47
C CYS C 271 -26.68 -28.46 27.57
N GLN C 272 -26.53 -27.39 26.78
CA GLN C 272 -27.57 -27.02 25.82
C GLN C 272 -27.79 -28.13 24.80
N HIS C 273 -26.74 -28.87 24.44
CA HIS C 273 -26.89 -29.95 23.48
C HIS C 273 -27.67 -31.11 24.07
N GLY C 274 -27.42 -31.43 25.34
CA GLY C 274 -28.19 -32.49 25.99
C GLY C 274 -29.65 -32.15 26.14
N GLN C 275 -29.98 -30.86 26.28
CA GLN C 275 -31.38 -30.46 26.33
C GLN C 275 -32.02 -30.56 24.95
N ARG C 276 -31.30 -30.19 23.90
CA ARG C 276 -31.83 -30.34 22.55
C ARG C 276 -32.10 -31.80 22.22
N LEU C 277 -31.30 -32.71 22.77
CA LEU C 277 -31.46 -34.14 22.56
C LEU C 277 -32.39 -34.79 23.58
N GLY C 278 -32.88 -34.03 24.56
CA GLY C 278 -33.73 -34.60 25.58
C GLY C 278 -33.02 -35.45 26.59
N LEU C 279 -31.70 -35.31 26.71
CA LEU C 279 -30.93 -36.07 27.69
C LEU C 279 -30.72 -35.22 28.93
N PRO C 280 -31.27 -35.60 30.08
CA PRO C 280 -31.08 -34.80 31.30
C PRO C 280 -29.61 -34.79 31.71
N LEU C 281 -29.08 -33.59 31.96
CA LEU C 281 -27.70 -33.40 32.40
C LEU C 281 -27.68 -32.54 33.66
N PRO C 282 -28.12 -33.10 34.80
CA PRO C 282 -28.07 -32.32 36.05
C PRO C 282 -26.67 -32.30 36.66
N ARG C 283 -26.07 -33.48 36.84
CA ARG C 283 -24.72 -33.60 37.38
C ARG C 283 -23.67 -32.90 36.52
N LEU C 284 -24.02 -32.51 35.29
CA LEU C 284 -23.17 -31.69 34.45
C LEU C 284 -23.60 -30.23 34.43
N GLY C 285 -24.91 -29.97 34.49
CA GLY C 285 -25.40 -28.65 34.78
C GLY C 285 -25.21 -28.23 36.22
N THR C 286 -24.79 -29.17 37.09
CA THR C 286 -24.35 -28.86 38.44
C THR C 286 -22.87 -28.49 38.49
N LEU C 287 -22.07 -29.03 37.58
CA LEU C 287 -20.69 -28.56 37.43
C LEU C 287 -20.67 -27.17 36.81
N LEU C 288 -21.37 -26.99 35.69
CA LEU C 288 -21.60 -25.65 35.14
C LEU C 288 -22.22 -24.72 36.16
N ALA C 289 -22.90 -25.28 37.16
CA ALA C 289 -23.62 -24.48 38.13
C ALA C 289 -22.67 -23.75 39.07
N ARG C 290 -21.79 -24.48 39.75
CA ARG C 290 -20.79 -23.86 40.61
C ARG C 290 -19.89 -22.93 39.81
N LEU C 291 -19.51 -23.34 38.59
CA LEU C 291 -18.59 -22.55 37.78
C LEU C 291 -19.18 -21.19 37.45
N GLN C 292 -20.49 -21.13 37.18
CA GLN C 292 -21.12 -19.85 36.92
C GLN C 292 -21.12 -18.97 38.17
N ALA C 293 -21.41 -19.56 39.33
CA ALA C 293 -21.35 -18.81 40.58
C ALA C 293 -19.92 -18.39 40.91
N HIS C 294 -18.95 -19.27 40.64
CA HIS C 294 -17.55 -18.94 40.88
C HIS C 294 -17.14 -17.68 40.11
N LEU C 295 -17.64 -17.53 38.87
CA LEU C 295 -17.34 -16.34 38.09
C LEU C 295 -18.13 -15.14 38.58
N ARG C 296 -19.37 -15.36 39.04
CA ARG C 296 -20.18 -14.26 39.54
C ARG C 296 -19.57 -13.64 40.80
N GLN C 297 -19.21 -14.48 41.77
CA GLN C 297 -18.67 -13.99 43.04
C GLN C 297 -17.41 -13.16 42.85
N ARG C 298 -16.69 -13.33 41.75
CA ARG C 298 -15.45 -12.61 41.50
C ARG C 298 -15.61 -11.52 40.45
N GLY C 299 -16.84 -11.08 40.19
CA GLY C 299 -17.07 -10.00 39.25
C GLY C 299 -16.58 -10.28 37.84
N LEU C 300 -16.62 -11.54 37.42
CA LEU C 300 -16.18 -11.95 36.10
C LEU C 300 -17.37 -12.34 35.23
N PRO C 301 -17.27 -12.15 33.92
CA PRO C 301 -18.39 -12.55 33.03
C PRO C 301 -18.68 -14.03 33.15
N ASP C 302 -19.91 -14.35 33.54
CA ASP C 302 -20.35 -15.73 33.71
C ASP C 302 -20.78 -16.37 32.40
N ARG C 303 -20.28 -15.88 31.27
CA ARG C 303 -20.62 -16.42 29.97
C ARG C 303 -19.57 -16.01 28.93
C1 GOL D . 5.60 26.27 -18.83
O1 GOL D . 5.48 26.85 -17.57
C2 GOL D . 4.79 24.95 -18.80
O2 GOL D . 3.51 25.14 -18.31
C3 GOL D . 4.78 24.44 -20.26
O3 GOL D . 4.04 23.27 -20.27
C1 GOL E . -26.32 13.52 6.51
O1 GOL E . -25.86 12.47 7.31
C2 GOL E . -26.89 14.59 7.47
O2 GOL E . -26.00 14.90 8.48
C3 GOL E . -27.20 15.80 6.58
O3 GOL E . -27.72 16.79 7.42
C1 GOL F . -9.46 -7.03 -16.19
O1 GOL F . -9.93 -6.18 -17.20
C2 GOL F . -9.71 -6.31 -14.85
O2 GOL F . -11.04 -5.98 -14.67
C3 GOL F . -9.19 -7.30 -13.77
O3 GOL F . -9.39 -6.68 -12.54
PA NAP G . -4.40 17.08 -4.94
O1A NAP G . -3.00 17.12 -5.45
O2A NAP G . -4.80 15.80 -4.23
O5B NAP G . -4.69 18.34 -3.92
C5B NAP G . -5.83 18.36 -3.04
C4B NAP G . -5.42 19.09 -1.79
O4B NAP G . -6.57 19.29 -0.94
C3B NAP G . -4.38 18.36 -0.93
O3B NAP G . -3.28 19.22 -0.65
C2B NAP G . -5.11 18.02 0.36
O2B NAP G . -4.24 18.01 1.50
C1B NAP G . -6.16 19.12 0.41
N9A NAP G . -7.33 18.79 1.22
C8A NAP G . -8.24 17.79 1.01
N7A NAP G . -9.18 17.72 1.91
C5A NAP G . -8.88 18.76 2.78
C6A NAP G . -9.49 19.23 3.96
N6A NAP G . -10.59 18.68 4.48
N1A NAP G . -8.93 20.28 4.58
C2A NAP G . -7.83 20.83 4.07
N3A NAP G . -7.17 20.48 2.96
C4A NAP G . -7.74 19.43 2.36
O3 NAP G . -5.44 17.31 -6.13
PN NAP G . -5.38 18.10 -7.52
O1N NAP G . -5.03 19.51 -7.26
O2N NAP G . -4.58 17.31 -8.48
O5D NAP G . -6.92 18.07 -7.96
C5D NAP G . -7.89 18.89 -7.30
C4D NAP G . -9.18 18.84 -8.09
O4D NAP G . -9.00 19.50 -9.36
C3D NAP G . -9.68 17.43 -8.41
O3D NAP G . -11.10 17.38 -8.34
C2D NAP G . -9.18 17.21 -9.83
O2D NAP G . -9.98 16.27 -10.55
C1D NAP G . -9.33 18.62 -10.40
N1N NAP G . -8.37 18.88 -11.59
C2N NAP G . -7.06 18.73 -11.34
C3N NAP G . -6.13 18.95 -12.34
C7N NAP G . -4.66 18.82 -12.07
O7N NAP G . -3.85 19.00 -12.98
N7N NAP G . -4.29 18.48 -10.83
C4N NAP G . -6.59 19.32 -13.60
C5N NAP G . -7.94 19.46 -13.84
C6N NAP G . -8.83 19.24 -12.80
P2B NAP G . -3.22 16.78 1.75
O1X NAP G . -3.75 15.54 1.12
O2X NAP G . -1.87 17.22 1.17
O3X NAP G . -3.06 16.67 3.27
PA NAP H . 15.44 8.46 -3.93
O1A NAP H . 13.99 8.26 -4.16
O2A NAP H . 15.95 9.89 -4.00
O5B NAP H . 15.91 7.84 -2.49
C5B NAP H . 17.18 8.18 -1.90
C4B NAP H . 16.98 8.28 -0.41
O4B NAP H . 18.25 8.44 0.27
C3B NAP H . 16.11 9.46 0.05
O3B NAP H . 15.06 8.99 0.90
C2B NAP H . 17.06 10.36 0.84
O2B NAP H . 16.38 11.07 1.89
C1B NAP H . 18.08 9.34 1.34
N9A NAP H . 19.38 9.91 1.69
C8A NAP H . 20.23 10.59 0.87
N7A NAP H . 21.34 10.98 1.45
C5A NAP H . 21.20 10.53 2.75
C6A NAP H . 22.02 10.62 3.88
N6A NAP H . 23.23 11.21 3.88
N1A NAP H . 21.58 10.07 5.03
C2A NAP H . 20.39 9.47 5.04
N3A NAP H . 19.52 9.32 4.04
C4A NAP H . 19.98 9.87 2.92
O3 NAP H . 16.30 7.60 -4.97
PN NAP H . 15.98 6.24 -5.76
O1N NAP H . 15.07 6.55 -6.88
O2N NAP H . 15.60 5.20 -4.77
O5D NAP H . 17.42 5.90 -6.37
C5D NAP H . 18.51 5.52 -5.51
C4D NAP H . 19.65 5.05 -6.37
O4D NAP H . 19.26 3.83 -7.06
C3D NAP H . 20.09 6.03 -7.46
O3D NAP H . 21.50 6.01 -7.61
C2D NAP H . 19.37 5.50 -8.70
O2D NAP H . 20.03 5.85 -9.90
C1D NAP H . 19.43 3.99 -8.44
N1N NAP H . 18.31 3.22 -9.17
C2N NAP H . 17.04 3.63 -8.93
C3N NAP H . 15.98 3.02 -9.55
C7N NAP H . 14.58 3.47 -9.29
O7N NAP H . 14.37 4.40 -8.50
N7N NAP H . 13.59 2.85 -9.94
C4N NAP H . 16.24 1.97 -10.43
C5N NAP H . 17.55 1.56 -10.66
C6N NAP H . 18.57 2.21 -10.00
P2B NAP H . 15.50 12.38 1.57
O1X NAP H . 15.82 12.90 0.20
O2X NAP H . 14.04 11.95 1.71
O3X NAP H . 15.81 13.39 2.68
#